data_4C22
#
_entry.id   4C22
#
_cell.length_a   151.450
_cell.length_b   151.450
_cell.length_c   406.400
_cell.angle_alpha   90.00
_cell.angle_beta   90.00
_cell.angle_gamma   120.00
#
_symmetry.space_group_name_H-M   'H 3 2'
#
loop_
_entity.id
_entity.type
_entity.pdbx_description
1 polymer 'L-FUCOSE ISOMERASE'
2 non-polymer 'MANGANESE (II) ION'
3 non-polymer alpha-L-fucopyranose
4 non-polymer 'L-Fuculose open form'
5 non-polymer 1,2-ETHANEDIOL
6 water water
#
_entity_poly.entity_id   1
_entity_poly.type   'polypeptide(L)'
_entity_poly.pdbx_seq_one_letter_code
;HHHHSSGLVPRGSHMASIQHPRIGIRPTIDGRRQGVRESLEVQTMNMAKSVADLISSTLKYPDGEPVECVISPSTIGRVP
EAAASHELFKKSNVCATITVTPCWCYGSETMDMSPDIPHAIWGFNGTERPGAVYLAAVLASHAQKGIPAFGIYGRDVQEA
SDTDIPEDVKEKLLRYARAALATGLMRDTAYLSMGSVSMGIGGSIVNPDFFQEYLGMRNESVDMTEFTRRMDRGIYDPEE
FERALKWVKENVKEGFDHNREDLVLSREEKDRQWEFVIKMFMIGRDLMVGNPRLAELGFEEEAVGHHALVAGFQGQRQWT
DHFPNGDFMETFLNTQFDWNGIRKPFVFATENDSLNGVSMLFNYLLTNTPQIFADVRTYWSPEAVKRVTGHTLEGRAAAG
FLHLINSGSCTLDGTGQATRDGKPIMKPFWELEESEVQAMLENTDFPPANREYFRGGGFSTRFLTKGDMPVTMVRLNLLK
GVGPVLQIAEGYTLELPEDVHHTLDNRTDPGWPTTWFAPRLTGKGAFKSVYDVMNNWGANHGAITYGHIGADLITLASML
RIPVNMHNVPEEDIFRPKNWSLFGTEDLESADYRACQLLGPLHK
;
_entity_poly.pdbx_strand_id   A,B
#
# COMPACT_ATOMS: atom_id res chain seq x y z
N ILE A 18 -0.95 -20.91 -15.89
CA ILE A 18 0.33 -21.60 -15.46
C ILE A 18 1.32 -21.82 -16.61
N GLN A 19 2.42 -21.08 -16.60
CA GLN A 19 3.44 -21.27 -17.63
C GLN A 19 4.34 -22.47 -17.24
N HIS A 20 5.29 -22.78 -18.11
CA HIS A 20 6.17 -23.92 -17.93
C HIS A 20 7.65 -23.50 -17.89
N PRO A 21 8.08 -22.92 -16.76
CA PRO A 21 9.49 -22.54 -16.66
C PRO A 21 10.38 -23.76 -16.83
N ARG A 22 11.48 -23.62 -17.57
CA ARG A 22 12.36 -24.74 -17.83
C ARG A 22 13.62 -24.64 -16.99
N ILE A 23 14.28 -25.78 -16.82
CA ILE A 23 15.62 -25.76 -16.24
C ILE A 23 16.64 -25.99 -17.34
N GLY A 24 17.60 -25.07 -17.43
CA GLY A 24 18.67 -25.15 -18.41
C GLY A 24 19.80 -25.99 -17.87
N ILE A 25 20.12 -27.07 -18.57
CA ILE A 25 21.22 -27.94 -18.14
C ILE A 25 22.37 -27.56 -19.04
N ARG A 26 23.50 -27.15 -18.43
CA ARG A 26 24.67 -26.66 -19.16
C ARG A 26 25.85 -27.56 -18.93
N PRO A 27 26.22 -28.36 -19.94
CA PRO A 27 27.34 -29.30 -19.73
C PRO A 27 28.65 -28.63 -20.12
N THR A 28 29.47 -28.31 -19.12
CA THR A 28 30.78 -27.71 -19.39
C THR A 28 31.85 -28.79 -19.49
N ILE A 29 32.85 -28.51 -20.33
CA ILE A 29 33.87 -29.48 -20.68
C ILE A 29 35.20 -28.75 -20.79
N ASP A 30 36.31 -29.51 -20.73
CA ASP A 30 37.63 -29.00 -21.00
C ASP A 30 37.75 -28.65 -22.48
N GLY A 31 37.99 -27.39 -22.79
CA GLY A 31 38.12 -26.97 -24.20
C GLY A 31 39.23 -27.53 -25.09
N ARG A 32 40.33 -28.01 -24.48
CA ARG A 32 41.49 -28.67 -25.13
C ARG A 32 41.13 -29.88 -25.96
N ARG A 33 41.47 -29.85 -27.23
CA ARG A 33 41.16 -30.95 -28.13
C ARG A 33 42.36 -31.85 -28.38
N GLN A 34 42.41 -32.46 -29.57
CA GLN A 34 43.49 -33.41 -29.92
C GLN A 34 43.66 -34.45 -28.81
N GLY A 35 42.53 -34.91 -28.28
CA GLY A 35 42.56 -35.87 -27.18
C GLY A 35 41.50 -35.59 -26.12
N VAL A 36 41.83 -34.69 -25.19
CA VAL A 36 41.04 -34.48 -23.97
C VAL A 36 39.55 -34.19 -24.17
N ARG A 37 39.21 -33.18 -24.96
CA ARG A 37 37.80 -32.79 -25.09
C ARG A 37 36.95 -33.93 -25.61
N GLU A 38 37.39 -34.49 -26.75
CA GLU A 38 36.66 -35.56 -27.44
C GLU A 38 36.45 -36.76 -26.53
N SER A 39 37.42 -37.02 -25.66
CA SER A 39 37.33 -38.16 -24.78
C SER A 39 36.33 -37.97 -23.65
N LEU A 40 35.89 -36.73 -23.45
CA LEU A 40 34.99 -36.37 -22.34
C LEU A 40 33.62 -36.00 -22.85
N GLU A 41 33.52 -35.79 -24.16
CA GLU A 41 32.25 -35.42 -24.73
C GLU A 41 31.10 -36.27 -24.21
N VAL A 42 31.18 -37.58 -24.35
CA VAL A 42 30.02 -38.43 -24.02
C VAL A 42 29.71 -38.40 -22.53
N GLN A 43 30.71 -38.69 -21.70
CA GLN A 43 30.54 -38.66 -20.24
C GLN A 43 29.87 -37.36 -19.75
N THR A 44 30.29 -36.20 -20.30
CA THR A 44 29.78 -34.88 -19.95
C THR A 44 28.34 -34.74 -20.42
N MET A 45 28.12 -34.96 -21.71
CA MET A 45 26.77 -34.89 -22.28
C MET A 45 25.81 -35.80 -21.52
N ASN A 46 26.33 -36.92 -21.00
CA ASN A 46 25.52 -37.87 -20.26
C ASN A 46 25.06 -37.30 -18.93
N MET A 47 25.96 -36.66 -18.20
CA MET A 47 25.59 -36.01 -16.95
C MET A 47 24.40 -35.09 -17.20
N ALA A 48 24.45 -34.29 -18.26
CA ALA A 48 23.35 -33.41 -18.59
C ALA A 48 22.06 -34.21 -18.73
N LYS A 49 22.09 -35.25 -19.55
CA LYS A 49 20.90 -36.05 -19.84
C LYS A 49 20.36 -36.71 -18.58
N SER A 50 21.24 -37.32 -17.78
CA SER A 50 20.86 -37.88 -16.49
C SER A 50 20.01 -36.88 -15.67
N VAL A 51 20.51 -35.65 -15.58
CA VAL A 51 19.86 -34.56 -14.86
C VAL A 51 18.54 -34.12 -15.49
N ALA A 52 18.54 -33.82 -16.80
CA ALA A 52 17.27 -33.54 -17.50
C ALA A 52 16.24 -34.62 -17.17
N ASP A 53 16.67 -35.88 -17.19
CA ASP A 53 15.79 -37.03 -16.97
C ASP A 53 15.31 -37.13 -15.54
N LEU A 54 16.23 -36.94 -14.60
CA LEU A 54 15.87 -36.99 -13.20
C LEU A 54 14.79 -35.97 -12.91
N ILE A 55 14.94 -34.77 -13.46
CA ILE A 55 13.96 -33.74 -13.20
C ILE A 55 12.61 -33.99 -13.89
N SER A 56 12.66 -34.31 -15.18
CA SER A 56 11.48 -34.46 -16.02
C SER A 56 10.68 -35.71 -15.70
N SER A 57 11.30 -36.64 -14.99
CA SER A 57 10.57 -37.80 -14.60
C SER A 57 10.14 -37.72 -13.13
N THR A 58 10.73 -36.82 -12.34
CA THR A 58 10.37 -36.70 -10.92
C THR A 58 9.47 -35.51 -10.64
N LEU A 59 9.67 -34.38 -11.30
CA LEU A 59 8.86 -33.20 -10.96
C LEU A 59 7.80 -32.81 -11.98
N LYS A 60 6.76 -32.13 -11.50
CA LYS A 60 5.63 -31.79 -12.35
C LYS A 60 5.18 -30.36 -12.10
N TYR A 61 4.57 -29.74 -13.10
CA TYR A 61 4.11 -28.39 -12.90
C TYR A 61 2.79 -28.45 -12.15
N PRO A 62 2.38 -27.35 -11.53
CA PRO A 62 1.08 -27.33 -10.86
C PRO A 62 -0.09 -27.87 -11.71
N ASP A 63 0.11 -28.00 -13.02
CA ASP A 63 -0.93 -28.56 -13.88
C ASP A 63 -0.73 -30.05 -14.10
N GLY A 64 0.32 -30.63 -13.54
CA GLY A 64 0.52 -32.07 -13.61
C GLY A 64 1.37 -32.57 -14.78
N GLU A 65 1.61 -31.70 -15.76
CA GLU A 65 2.56 -31.99 -16.86
C GLU A 65 4.01 -32.14 -16.37
N PRO A 66 4.82 -32.97 -17.04
CA PRO A 66 6.18 -33.12 -16.49
C PRO A 66 7.01 -31.85 -16.66
N VAL A 67 7.87 -31.54 -15.69
CA VAL A 67 8.81 -30.44 -15.88
C VAL A 67 9.65 -30.64 -17.14
N GLU A 68 10.03 -29.53 -17.76
CA GLU A 68 10.81 -29.53 -19.01
C GLU A 68 12.20 -28.95 -18.75
N CYS A 69 13.20 -29.59 -19.33
CA CYS A 69 14.56 -29.09 -19.32
C CYS A 69 15.01 -28.77 -20.75
N VAL A 70 16.07 -27.96 -20.87
CA VAL A 70 16.73 -27.68 -22.13
C VAL A 70 18.20 -27.87 -21.86
N ILE A 71 18.87 -28.58 -22.74
CA ILE A 71 20.34 -28.63 -22.67
C ILE A 71 20.89 -27.58 -23.63
N SER A 72 22.06 -27.04 -23.27
CA SER A 72 22.83 -26.19 -24.15
C SER A 72 23.03 -26.89 -25.46
N PRO A 73 23.08 -26.14 -26.55
CA PRO A 73 23.16 -26.72 -27.89
C PRO A 73 24.42 -27.57 -28.11
N SER A 74 25.39 -27.50 -27.20
CA SER A 74 26.60 -28.30 -27.29
C SER A 74 27.25 -28.28 -25.92
N THR A 75 28.38 -28.95 -25.76
CA THR A 75 29.12 -28.81 -24.53
C THR A 75 29.82 -27.46 -24.54
N ILE A 76 30.19 -26.98 -23.35
CA ILE A 76 30.70 -25.63 -23.17
C ILE A 76 32.15 -25.69 -22.72
N GLY A 77 33.04 -25.37 -23.66
CA GLY A 77 34.47 -25.41 -23.42
C GLY A 77 35.07 -24.02 -23.50
N ARG A 78 34.52 -23.19 -24.37
CA ARG A 78 34.97 -21.82 -24.50
C ARG A 78 33.80 -20.87 -24.55
N VAL A 79 34.08 -19.60 -24.28
CA VAL A 79 33.03 -18.60 -24.20
C VAL A 79 31.95 -18.66 -25.29
N PRO A 80 32.32 -18.83 -26.59
CA PRO A 80 31.26 -18.73 -27.62
C PRO A 80 30.22 -19.82 -27.49
N GLU A 81 30.62 -20.95 -26.93
CA GLU A 81 29.68 -22.01 -26.62
C GLU A 81 28.75 -21.56 -25.47
N ALA A 82 29.31 -20.88 -24.46
CA ALA A 82 28.56 -20.24 -23.38
C ALA A 82 27.51 -19.25 -23.88
N ALA A 83 27.84 -18.56 -24.97
CA ALA A 83 27.02 -17.50 -25.53
C ALA A 83 25.90 -18.13 -26.29
N ALA A 84 26.20 -19.23 -26.95
CA ALA A 84 25.18 -19.89 -27.71
C ALA A 84 24.22 -20.50 -26.71
N SER A 85 24.77 -21.01 -25.61
CA SER A 85 23.91 -21.62 -24.61
C SER A 85 22.98 -20.55 -24.11
N HIS A 86 23.52 -19.35 -23.91
CA HIS A 86 22.77 -18.24 -23.38
C HIS A 86 21.72 -17.84 -24.39
N GLU A 87 22.11 -17.77 -25.65
CA GLU A 87 21.17 -17.45 -26.72
C GLU A 87 19.98 -18.38 -26.66
N LEU A 88 20.25 -19.69 -26.60
CA LEU A 88 19.19 -20.67 -26.61
C LEU A 88 18.29 -20.54 -25.38
N PHE A 89 18.86 -20.41 -24.19
CA PHE A 89 18.06 -20.36 -22.97
C PHE A 89 17.11 -19.15 -22.93
N LYS A 90 17.57 -17.98 -23.37
CA LYS A 90 16.73 -16.77 -23.46
C LYS A 90 15.39 -17.02 -24.13
N LYS A 91 15.43 -17.62 -25.30
CA LYS A 91 14.19 -17.87 -26.01
C LYS A 91 13.47 -19.18 -25.55
N SER A 92 14.02 -19.83 -24.53
CA SER A 92 13.53 -21.13 -24.03
C SER A 92 12.87 -21.05 -22.65
N ASN A 93 12.71 -19.82 -22.13
CA ASN A 93 11.98 -19.58 -20.91
C ASN A 93 12.59 -20.34 -19.70
N VAL A 94 13.90 -20.27 -19.62
CA VAL A 94 14.68 -20.95 -18.64
C VAL A 94 14.65 -20.11 -17.38
N CYS A 95 14.32 -20.74 -16.24
CA CYS A 95 14.15 -20.01 -14.96
C CYS A 95 15.29 -20.29 -13.96
N ALA A 96 16.17 -21.23 -14.31
CA ALA A 96 17.34 -21.57 -13.50
C ALA A 96 18.29 -22.44 -14.32
N THR A 97 19.55 -22.49 -13.96
CA THR A 97 20.45 -23.33 -14.71
C THR A 97 21.07 -24.39 -13.82
N ILE A 98 21.49 -25.51 -14.45
CA ILE A 98 22.35 -26.47 -13.78
C ILE A 98 23.50 -26.78 -14.69
N THR A 99 24.71 -26.61 -14.18
CA THR A 99 25.87 -26.92 -14.95
C THR A 99 26.26 -28.22 -14.38
N VAL A 100 26.76 -29.08 -15.25
CA VAL A 100 27.30 -30.38 -14.88
C VAL A 100 28.62 -30.56 -15.61
N THR A 101 29.59 -31.13 -14.92
CA THR A 101 30.88 -31.40 -15.53
C THR A 101 31.57 -32.53 -14.81
N PRO A 102 32.26 -33.39 -15.56
CA PRO A 102 33.09 -34.41 -14.96
C PRO A 102 34.56 -34.01 -14.97
N CYS A 103 34.87 -32.92 -15.67
CA CYS A 103 36.25 -32.53 -15.83
C CYS A 103 36.49 -31.12 -15.35
N TRP A 104 37.73 -30.68 -15.52
CA TRP A 104 38.11 -29.29 -15.41
C TRP A 104 37.66 -28.52 -16.67
N CYS A 105 37.14 -27.32 -16.46
CA CYS A 105 36.72 -26.36 -17.52
C CYS A 105 37.16 -25.00 -17.06
N TYR A 106 36.99 -23.99 -17.90
CA TYR A 106 37.68 -22.73 -17.64
C TYR A 106 37.05 -21.89 -16.52
N GLY A 107 35.84 -21.41 -16.67
CA GLY A 107 35.29 -20.90 -15.43
C GLY A 107 34.60 -19.65 -15.82
N SER A 108 35.27 -18.51 -15.66
CA SER A 108 34.66 -17.26 -16.10
C SER A 108 34.30 -17.38 -17.58
N GLU A 109 35.03 -18.25 -18.29
CA GLU A 109 34.80 -18.48 -19.72
C GLU A 109 33.55 -19.29 -19.98
N THR A 110 33.20 -20.17 -19.03
CA THR A 110 32.09 -21.13 -19.20
C THR A 110 30.85 -20.90 -18.32
N MET A 111 30.98 -20.04 -17.31
CA MET A 111 29.90 -19.75 -16.35
C MET A 111 28.72 -19.00 -16.96
N ASP A 112 27.53 -19.26 -16.45
CA ASP A 112 26.35 -18.45 -16.79
C ASP A 112 26.38 -17.13 -15.95
N MET A 113 26.17 -16.01 -16.61
CA MET A 113 26.21 -14.69 -15.98
C MET A 113 24.81 -14.15 -15.64
N SER A 114 23.75 -14.92 -15.91
CA SER A 114 22.42 -14.38 -15.75
C SER A 114 22.29 -14.07 -14.28
N PRO A 115 22.01 -12.81 -13.94
CA PRO A 115 21.97 -12.45 -12.50
C PRO A 115 20.57 -12.64 -11.88
N ASP A 116 19.56 -12.85 -12.73
CA ASP A 116 18.19 -12.86 -12.27
C ASP A 116 17.59 -14.25 -12.07
N ILE A 117 18.42 -15.30 -12.12
CA ILE A 117 17.91 -16.66 -11.94
C ILE A 117 18.89 -17.47 -11.07
N PRO A 118 18.39 -18.55 -10.46
CA PRO A 118 19.36 -19.34 -9.71
C PRO A 118 20.28 -20.17 -10.65
N HIS A 119 21.39 -20.64 -10.11
CA HIS A 119 22.31 -21.51 -10.84
C HIS A 119 22.81 -22.56 -9.87
N ALA A 120 22.98 -23.76 -10.40
CA ALA A 120 23.61 -24.84 -9.66
C ALA A 120 24.71 -25.44 -10.50
N ILE A 121 25.79 -25.84 -9.83
CA ILE A 121 26.87 -26.57 -10.49
C ILE A 121 26.97 -27.92 -9.82
N TRP A 122 26.86 -28.97 -10.63
CA TRP A 122 27.14 -30.31 -10.17
C TRP A 122 28.42 -30.74 -10.80
N GLY A 123 29.42 -30.94 -9.94
CA GLY A 123 30.73 -31.41 -10.34
C GLY A 123 30.86 -32.85 -9.93
N PHE A 124 30.99 -33.75 -10.90
CA PHE A 124 31.12 -35.19 -10.71
C PHE A 124 32.27 -35.45 -9.79
N ASN A 125 32.07 -36.28 -8.78
CA ASN A 125 33.15 -36.58 -7.83
C ASN A 125 33.96 -37.79 -8.31
N GLY A 126 34.70 -37.61 -9.40
CA GLY A 126 35.59 -38.64 -9.94
C GLY A 126 37.03 -38.22 -9.76
N THR A 127 37.97 -39.11 -10.07
CA THR A 127 39.40 -38.83 -9.82
C THR A 127 40.16 -38.61 -11.10
N GLU A 128 39.79 -39.38 -12.10
CA GLU A 128 40.37 -39.24 -13.42
C GLU A 128 39.62 -38.01 -13.89
N ARG A 129 40.34 -36.88 -14.02
CA ARG A 129 39.74 -35.54 -14.31
C ARG A 129 39.21 -34.71 -13.09
N PRO A 130 39.66 -33.44 -12.97
CA PRO A 130 39.30 -32.67 -11.77
C PRO A 130 37.85 -32.06 -11.73
N GLY A 131 36.81 -32.90 -11.71
CA GLY A 131 35.44 -32.37 -11.70
C GLY A 131 35.13 -31.45 -10.51
N ALA A 132 35.61 -31.82 -9.33
CA ALA A 132 35.33 -31.11 -8.07
C ALA A 132 36.12 -29.83 -8.06
N VAL A 133 37.18 -29.82 -8.85
CA VAL A 133 38.09 -28.68 -8.93
C VAL A 133 37.48 -27.56 -9.78
N TYR A 134 36.72 -27.94 -10.81
CA TYR A 134 35.96 -26.97 -11.56
C TYR A 134 34.87 -26.43 -10.67
N LEU A 135 34.10 -27.35 -10.10
CA LEU A 135 33.05 -26.99 -9.19
C LEU A 135 33.50 -25.86 -8.23
N ALA A 136 34.62 -26.02 -7.57
CA ALA A 136 34.96 -25.05 -6.56
C ALA A 136 35.49 -23.77 -7.20
N ALA A 137 36.17 -23.91 -8.33
CA ALA A 137 36.72 -22.76 -9.02
C ALA A 137 35.58 -21.92 -9.57
N VAL A 138 34.64 -22.56 -10.30
CA VAL A 138 33.57 -21.80 -10.93
C VAL A 138 32.72 -21.12 -9.88
N LEU A 139 32.51 -21.78 -8.74
CA LEU A 139 31.80 -21.17 -7.63
C LEU A 139 32.58 -20.00 -7.00
N ALA A 140 33.91 -20.06 -6.98
CA ALA A 140 34.68 -18.88 -6.55
C ALA A 140 34.30 -17.69 -7.41
N SER A 141 34.28 -17.90 -8.72
CA SER A 141 33.95 -16.81 -9.64
C SER A 141 32.58 -16.26 -9.37
N HIS A 142 31.60 -17.15 -9.23
CA HIS A 142 30.27 -16.74 -8.83
C HIS A 142 30.27 -15.87 -7.57
N ALA A 143 31.07 -16.24 -6.56
CA ALA A 143 31.07 -15.49 -5.31
C ALA A 143 31.73 -14.15 -5.55
N GLN A 144 32.85 -14.18 -6.25
CA GLN A 144 33.60 -12.98 -6.58
C GLN A 144 32.78 -12.00 -7.45
N LYS A 145 31.96 -12.52 -8.35
CA LYS A 145 31.20 -11.64 -9.20
C LYS A 145 29.77 -11.41 -8.71
N GLY A 146 29.47 -11.87 -7.50
CA GLY A 146 28.17 -11.73 -6.88
C GLY A 146 27.03 -12.24 -7.71
N ILE A 147 27.18 -13.46 -8.25
CA ILE A 147 26.09 -14.16 -8.91
C ILE A 147 25.91 -15.45 -8.13
N PRO A 148 24.97 -15.46 -7.14
CA PRO A 148 24.85 -16.64 -6.27
C PRO A 148 24.69 -17.91 -7.08
N ALA A 149 25.40 -18.97 -6.69
CA ALA A 149 25.25 -20.29 -7.32
C ALA A 149 25.28 -21.39 -6.28
N PHE A 150 24.50 -22.45 -6.50
CA PHE A 150 24.57 -23.64 -5.65
C PHE A 150 25.64 -24.62 -6.12
N GLY A 151 26.34 -25.20 -5.14
CA GLY A 151 27.35 -26.24 -5.38
C GLY A 151 26.87 -27.62 -4.97
N ILE A 152 26.91 -28.56 -5.91
CA ILE A 152 26.41 -29.91 -5.68
C ILE A 152 27.55 -30.89 -5.86
N TYR A 153 28.09 -31.34 -4.72
CA TYR A 153 29.22 -32.26 -4.64
C TYR A 153 28.89 -33.51 -3.80
N GLY A 154 28.87 -34.69 -4.45
CA GLY A 154 28.63 -35.98 -3.83
C GLY A 154 29.71 -36.43 -2.87
N ARG A 155 29.29 -37.14 -1.82
CA ARG A 155 30.17 -37.62 -0.75
C ARG A 155 31.24 -38.61 -1.23
N ASP A 156 30.91 -39.48 -2.18
CA ASP A 156 31.70 -40.68 -2.42
C ASP A 156 32.30 -40.69 -3.82
N VAL A 157 33.59 -40.94 -3.92
CA VAL A 157 34.19 -41.03 -5.24
C VAL A 157 33.43 -42.06 -6.06
N GLN A 158 33.05 -41.67 -7.28
CA GLN A 158 32.36 -42.53 -8.23
C GLN A 158 33.32 -42.93 -9.35
N GLU A 159 33.00 -44.04 -10.02
CA GLU A 159 33.76 -44.54 -11.17
C GLU A 159 33.50 -43.67 -12.37
N ALA A 160 34.50 -43.49 -13.23
CA ALA A 160 34.35 -42.60 -14.39
C ALA A 160 33.19 -42.99 -15.30
N SER A 161 32.73 -44.23 -15.21
CA SER A 161 31.65 -44.70 -16.06
C SER A 161 30.32 -44.72 -15.32
N ASP A 162 30.39 -44.65 -13.99
CA ASP A 162 29.21 -44.75 -13.13
C ASP A 162 28.18 -43.77 -13.64
N THR A 163 27.01 -44.29 -14.01
CA THR A 163 26.04 -43.51 -14.73
C THR A 163 25.01 -42.91 -13.76
N ASP A 164 25.01 -43.46 -12.55
CA ASP A 164 24.05 -43.12 -11.53
C ASP A 164 24.31 -41.80 -10.89
N ILE A 165 23.21 -41.09 -10.61
CA ILE A 165 23.25 -39.93 -9.75
C ILE A 165 23.14 -40.42 -8.31
N PRO A 166 24.21 -40.27 -7.50
CA PRO A 166 24.11 -40.78 -6.12
C PRO A 166 22.99 -40.10 -5.35
N GLU A 167 22.62 -40.67 -4.21
CA GLU A 167 21.47 -40.17 -3.46
C GLU A 167 21.65 -38.75 -2.91
N ASP A 168 22.84 -38.44 -2.41
CA ASP A 168 23.09 -37.11 -1.88
C ASP A 168 22.96 -36.05 -2.98
N VAL A 169 23.45 -36.39 -4.18
CA VAL A 169 23.38 -35.52 -5.33
C VAL A 169 21.96 -35.32 -5.83
N LYS A 170 21.17 -36.40 -5.88
CA LYS A 170 19.78 -36.32 -6.31
C LYS A 170 19.02 -35.41 -5.36
N GLU A 171 19.31 -35.55 -4.08
CA GLU A 171 18.54 -34.80 -3.11
C GLU A 171 18.80 -33.32 -3.38
N LYS A 172 20.07 -32.95 -3.48
CA LYS A 172 20.44 -31.59 -3.79
C LYS A 172 19.90 -31.10 -5.15
N LEU A 173 20.06 -31.90 -6.21
CA LEU A 173 19.46 -31.56 -7.50
C LEU A 173 17.96 -31.30 -7.45
N LEU A 174 17.21 -32.13 -6.73
CA LEU A 174 15.76 -31.99 -6.68
C LEU A 174 15.32 -30.85 -5.76
N ARG A 175 16.03 -30.68 -4.65
CA ARG A 175 15.70 -29.58 -3.79
C ARG A 175 15.85 -28.29 -4.61
N TYR A 176 17.03 -28.14 -5.22
CA TYR A 176 17.30 -27.02 -6.08
C TYR A 176 16.22 -26.83 -7.15
N ALA A 177 15.97 -27.89 -7.91
CA ALA A 177 15.03 -27.79 -8.99
C ALA A 177 13.62 -27.37 -8.51
N ARG A 178 13.14 -27.92 -7.39
CA ARG A 178 11.81 -27.59 -6.89
C ARG A 178 11.81 -26.14 -6.46
N ALA A 179 12.82 -25.74 -5.70
CA ALA A 179 12.94 -24.35 -5.29
C ALA A 179 13.00 -23.42 -6.53
N ALA A 180 13.86 -23.77 -7.49
CA ALA A 180 14.02 -22.94 -8.69
C ALA A 180 12.70 -22.82 -9.47
N LEU A 181 12.09 -23.96 -9.75
CA LEU A 181 10.77 -23.97 -10.37
C LEU A 181 9.77 -23.05 -9.65
N ALA A 182 9.85 -22.94 -8.33
CA ALA A 182 8.86 -22.11 -7.64
C ALA A 182 9.09 -20.68 -8.05
N THR A 183 10.36 -20.25 -8.02
CA THR A 183 10.68 -18.88 -8.49
C THR A 183 10.25 -18.70 -9.95
N GLY A 184 10.51 -19.71 -10.77
CA GLY A 184 10.08 -19.68 -12.15
C GLY A 184 8.59 -19.46 -12.37
N LEU A 185 7.76 -20.15 -11.58
CA LEU A 185 6.31 -20.05 -11.71
C LEU A 185 5.68 -18.75 -11.19
N MET A 186 6.28 -18.12 -10.17
CA MET A 186 5.73 -16.86 -9.62
C MET A 186 5.98 -15.70 -10.57
N ARG A 187 7.21 -15.65 -11.06
CA ARG A 187 7.67 -14.57 -11.93
C ARG A 187 6.60 -14.16 -12.95
N ASP A 188 6.41 -12.84 -13.08
CA ASP A 188 5.52 -12.25 -14.09
C ASP A 188 4.02 -12.54 -13.88
N THR A 189 3.67 -13.22 -12.79
CA THR A 189 2.27 -13.37 -12.41
C THR A 189 1.83 -12.27 -11.42
N ALA A 190 0.52 -12.17 -11.19
CA ALA A 190 -0.04 -11.15 -10.35
C ALA A 190 -0.60 -11.69 -9.02
N TYR A 191 -0.62 -10.82 -8.02
CA TYR A 191 -1.49 -10.98 -6.91
C TYR A 191 -2.74 -10.06 -7.08
N LEU A 192 -3.92 -10.67 -7.04
CA LEU A 192 -5.13 -9.86 -7.11
C LEU A 192 -5.71 -9.61 -5.73
N SER A 193 -5.75 -8.34 -5.33
CA SER A 193 -6.54 -7.89 -4.18
C SER A 193 -7.99 -7.69 -4.60
N MET A 194 -8.91 -8.22 -3.79
CA MET A 194 -10.33 -7.97 -3.90
C MET A 194 -10.72 -7.22 -2.63
N GLY A 195 -11.04 -5.95 -2.75
CA GLY A 195 -11.01 -5.06 -1.58
C GLY A 195 -9.55 -4.70 -1.36
N SER A 196 -9.22 -4.12 -0.21
CA SER A 196 -7.82 -3.90 0.10
C SER A 196 -7.53 -4.29 1.58
N VAL A 197 -7.50 -3.31 2.49
CA VAL A 197 -7.17 -3.62 3.86
C VAL A 197 -8.39 -4.15 4.56
N SER A 198 -8.17 -5.28 5.22
CA SER A 198 -9.17 -5.92 6.05
C SER A 198 -8.83 -5.70 7.49
N MET A 199 -9.73 -5.05 8.21
CA MET A 199 -9.60 -4.84 9.66
C MET A 199 -8.16 -4.58 10.11
N GLY A 200 -7.44 -3.69 9.44
CA GLY A 200 -6.15 -3.24 9.93
C GLY A 200 -5.08 -4.31 10.03
N ILE A 201 -5.31 -5.44 9.36
CA ILE A 201 -4.35 -6.55 9.28
C ILE A 201 -3.17 -6.19 8.38
N GLY A 202 -1.97 -6.30 8.95
CA GLY A 202 -0.73 -5.89 8.31
C GLY A 202 -0.52 -6.40 6.90
N GLY A 203 -0.58 -7.73 6.75
CA GLY A 203 -0.41 -8.41 5.47
C GLY A 203 -1.47 -8.05 4.44
N SER A 204 -2.51 -7.34 4.88
CA SER A 204 -3.58 -6.92 3.98
C SER A 204 -3.36 -5.48 3.54
N ILE A 205 -2.42 -4.78 4.18
CA ILE A 205 -1.89 -3.53 3.64
C ILE A 205 -0.83 -3.94 2.62
N VAL A 206 -1.27 -4.04 1.37
CA VAL A 206 -0.47 -4.79 0.39
C VAL A 206 0.71 -3.95 -0.06
N ASN A 207 1.90 -4.56 -0.10
CA ASN A 207 3.11 -3.86 -0.48
C ASN A 207 3.59 -4.28 -1.87
N PRO A 208 3.35 -3.43 -2.89
CA PRO A 208 3.74 -3.90 -4.22
C PRO A 208 5.24 -4.04 -4.37
N ASP A 209 6.01 -3.26 -3.59
CA ASP A 209 7.48 -3.33 -3.74
C ASP A 209 7.96 -4.73 -3.47
N PHE A 210 7.31 -5.38 -2.51
CA PHE A 210 7.67 -6.73 -2.11
C PHE A 210 7.50 -7.72 -3.27
N PHE A 211 6.30 -7.75 -3.82
CA PHE A 211 5.98 -8.55 -4.99
C PHE A 211 6.88 -8.28 -6.17
N GLN A 212 7.06 -7.00 -6.47
CA GLN A 212 7.86 -6.61 -7.61
C GLN A 212 9.33 -6.96 -7.39
N GLU A 213 9.91 -6.55 -6.26
CA GLU A 213 11.33 -6.69 -6.05
C GLU A 213 11.72 -8.15 -5.83
N TYR A 214 10.94 -8.87 -5.00
CA TYR A 214 11.30 -10.23 -4.60
C TYR A 214 10.77 -11.35 -5.51
N LEU A 215 9.52 -11.22 -5.94
CA LEU A 215 8.86 -12.33 -6.59
C LEU A 215 8.75 -12.13 -8.10
N GLY A 216 9.21 -10.99 -8.59
CA GLY A 216 8.99 -10.61 -9.98
C GLY A 216 7.49 -10.55 -10.33
N MET A 217 6.67 -10.15 -9.36
CA MET A 217 5.23 -10.19 -9.53
C MET A 217 4.53 -8.85 -9.57
N ARG A 218 3.39 -8.83 -10.26
CA ARG A 218 2.59 -7.62 -10.47
C ARG A 218 1.46 -7.54 -9.42
N ASN A 219 0.90 -6.35 -9.21
CA ASN A 219 -0.25 -6.23 -8.32
C ASN A 219 -1.53 -5.72 -8.97
N GLU A 220 -2.59 -6.54 -8.90
CA GLU A 220 -3.88 -6.19 -9.48
C GLU A 220 -4.84 -6.01 -8.34
N SER A 221 -5.95 -5.35 -8.62
CA SER A 221 -6.71 -4.76 -7.57
C SER A 221 -8.14 -4.53 -8.01
N VAL A 222 -9.06 -5.00 -7.22
CA VAL A 222 -10.44 -4.84 -7.59
C VAL A 222 -11.23 -4.52 -6.35
N ASP A 223 -11.96 -3.42 -6.38
CA ASP A 223 -12.91 -3.12 -5.30
C ASP A 223 -14.01 -4.20 -5.29
N MET A 224 -14.44 -4.60 -4.09
CA MET A 224 -15.44 -5.67 -3.96
C MET A 224 -16.77 -5.34 -4.66
N THR A 225 -17.02 -4.07 -4.93
CA THR A 225 -18.19 -3.68 -5.69
C THR A 225 -18.25 -4.42 -7.02
N GLU A 226 -17.10 -4.72 -7.60
CA GLU A 226 -17.07 -5.54 -8.80
C GLU A 226 -17.91 -6.83 -8.65
N PHE A 227 -17.86 -7.43 -7.47
CA PHE A 227 -18.63 -8.63 -7.20
C PHE A 227 -20.12 -8.42 -7.36
N THR A 228 -20.60 -7.34 -6.76
CA THR A 228 -21.99 -6.91 -6.83
C THR A 228 -22.40 -6.62 -8.29
N ARG A 229 -21.52 -5.88 -8.97
CA ARG A 229 -21.70 -5.50 -10.34
C ARG A 229 -21.95 -6.73 -11.19
N ARG A 230 -21.03 -7.69 -11.11
CA ARG A 230 -21.13 -8.90 -11.90
C ARG A 230 -22.41 -9.69 -11.58
N MET A 231 -22.78 -9.71 -10.30
CA MET A 231 -24.04 -10.33 -9.90
C MET A 231 -25.25 -9.59 -10.46
N ASP A 232 -25.42 -8.31 -10.17
CA ASP A 232 -26.55 -7.58 -10.74
C ASP A 232 -26.60 -7.75 -12.25
N ARG A 233 -25.47 -7.73 -12.93
CA ARG A 233 -25.50 -7.56 -14.38
C ARG A 233 -25.36 -8.87 -15.14
N GLY A 234 -25.36 -9.96 -14.39
CA GLY A 234 -25.35 -11.27 -15.02
C GLY A 234 -23.99 -11.67 -15.57
N ILE A 235 -22.93 -11.05 -15.05
CA ILE A 235 -21.57 -11.34 -15.54
C ILE A 235 -20.92 -12.59 -14.90
N TYR A 236 -21.52 -13.74 -15.20
CA TYR A 236 -21.04 -15.06 -14.82
C TYR A 236 -21.79 -16.08 -15.67
N ASP A 237 -21.34 -17.33 -15.68
CA ASP A 237 -21.93 -18.36 -16.51
C ASP A 237 -23.21 -18.92 -15.88
N PRO A 238 -24.38 -18.70 -16.53
CA PRO A 238 -25.61 -19.19 -15.90
C PRO A 238 -25.81 -20.69 -16.06
N GLU A 239 -25.40 -21.28 -17.18
CA GLU A 239 -25.37 -22.76 -17.26
C GLU A 239 -24.52 -23.33 -16.15
N GLU A 240 -23.39 -22.66 -15.88
CA GLU A 240 -22.54 -23.06 -14.78
C GLU A 240 -23.24 -22.85 -13.44
N PHE A 241 -23.95 -21.74 -13.27
CA PHE A 241 -24.61 -21.56 -11.99
C PHE A 241 -25.59 -22.71 -11.71
N GLU A 242 -26.43 -23.04 -12.68
CA GLU A 242 -27.41 -24.10 -12.52
C GLU A 242 -26.76 -25.44 -12.16
N ARG A 243 -25.70 -25.82 -12.86
CA ARG A 243 -25.00 -27.05 -12.55
C ARG A 243 -24.37 -27.03 -11.16
N ALA A 244 -23.99 -25.84 -10.70
CA ALA A 244 -23.39 -25.66 -9.41
C ALA A 244 -24.39 -25.73 -8.24
N LEU A 245 -25.55 -25.10 -8.42
CA LEU A 245 -26.60 -25.15 -7.42
C LEU A 245 -26.96 -26.61 -7.14
N LYS A 246 -27.23 -27.33 -8.23
CA LYS A 246 -27.53 -28.75 -8.25
C LYS A 246 -26.46 -29.51 -7.47
N TRP A 247 -25.21 -29.33 -7.88
CA TRP A 247 -24.07 -30.04 -7.27
C TRP A 247 -23.90 -29.75 -5.77
N VAL A 248 -24.13 -28.50 -5.39
CA VAL A 248 -23.96 -28.06 -4.03
C VAL A 248 -25.04 -28.65 -3.13
N LYS A 249 -26.27 -28.66 -3.62
CA LYS A 249 -27.36 -29.30 -2.89
C LYS A 249 -27.10 -30.78 -2.66
N GLU A 250 -26.55 -31.46 -3.66
CA GLU A 250 -26.31 -32.88 -3.49
C GLU A 250 -25.05 -33.20 -2.68
N ASN A 251 -24.10 -32.28 -2.60
CA ASN A 251 -22.78 -32.59 -2.03
C ASN A 251 -22.39 -31.86 -0.77
N VAL A 252 -22.95 -30.66 -0.58
CA VAL A 252 -22.63 -29.73 0.51
C VAL A 252 -23.71 -29.77 1.61
N LYS A 253 -23.32 -30.20 2.82
CA LYS A 253 -24.25 -30.26 3.96
C LYS A 253 -24.15 -29.00 4.84
N GLU A 254 -25.25 -28.25 4.87
CA GLU A 254 -25.40 -27.13 5.78
C GLU A 254 -25.24 -27.62 7.23
N GLY A 255 -24.40 -26.96 8.01
CA GLY A 255 -24.09 -27.40 9.37
C GLY A 255 -25.03 -26.80 10.39
N PHE A 256 -24.76 -27.08 11.65
CA PHE A 256 -25.60 -26.57 12.74
C PHE A 256 -25.53 -25.04 12.81
N ASP A 257 -26.69 -24.40 12.92
CA ASP A 257 -26.72 -22.95 13.03
C ASP A 257 -26.53 -22.52 14.50
N HIS A 258 -25.41 -21.87 14.83
CA HIS A 258 -25.16 -21.45 16.25
C HIS A 258 -25.75 -20.09 16.61
N ASN A 259 -26.53 -19.53 15.69
CA ASN A 259 -26.96 -18.14 15.84
C ASN A 259 -28.07 -17.95 16.86
N ARG A 260 -27.99 -16.85 17.59
CA ARG A 260 -28.98 -16.58 18.62
C ARG A 260 -30.34 -16.28 18.00
N GLU A 261 -31.42 -16.52 18.75
CA GLU A 261 -32.75 -16.57 18.16
C GLU A 261 -33.02 -15.52 17.06
N ASP A 262 -32.91 -14.24 17.41
CA ASP A 262 -33.33 -13.14 16.53
C ASP A 262 -32.38 -12.89 15.35
N LEU A 263 -31.28 -13.61 15.31
CA LEU A 263 -30.37 -13.53 14.20
C LEU A 263 -30.49 -14.72 13.25
N VAL A 264 -31.04 -15.85 13.70
CA VAL A 264 -31.25 -17.01 12.83
C VAL A 264 -32.02 -16.63 11.58
N LEU A 265 -31.46 -16.95 10.42
CA LEU A 265 -32.07 -16.62 9.13
C LEU A 265 -33.12 -17.66 8.77
N SER A 266 -34.13 -17.24 8.01
CA SER A 266 -35.15 -18.19 7.57
C SER A 266 -34.55 -19.18 6.56
N ARG A 267 -35.27 -20.25 6.30
CA ARG A 267 -34.81 -21.20 5.30
C ARG A 267 -34.78 -20.54 3.89
N GLU A 268 -35.77 -19.70 3.56
CA GLU A 268 -35.73 -18.97 2.27
C GLU A 268 -34.43 -18.21 2.16
N GLU A 269 -34.21 -17.30 3.13
CA GLU A 269 -33.03 -16.43 3.13
C GLU A 269 -31.72 -17.21 3.06
N LYS A 270 -31.60 -18.32 3.78
CA LYS A 270 -30.39 -19.11 3.70
C LYS A 270 -30.19 -19.71 2.31
N ASP A 271 -31.29 -20.14 1.70
CA ASP A 271 -31.26 -20.67 0.34
C ASP A 271 -30.81 -19.65 -0.71
N ARG A 272 -31.33 -18.43 -0.61
CA ARG A 272 -30.86 -17.30 -1.41
C ARG A 272 -29.35 -17.05 -1.26
N GLN A 273 -28.87 -17.20 -0.03
CA GLN A 273 -27.47 -17.01 0.28
C GLN A 273 -26.63 -18.14 -0.28
N TRP A 274 -27.18 -19.33 -0.40
CA TRP A 274 -26.41 -20.42 -0.99
C TRP A 274 -26.11 -20.13 -2.46
N GLU A 275 -27.13 -19.62 -3.14
CA GLU A 275 -27.00 -19.16 -4.51
C GLU A 275 -25.95 -18.06 -4.60
N PHE A 276 -26.02 -17.08 -3.70
CA PHE A 276 -25.10 -15.96 -3.67
C PHE A 276 -23.62 -16.42 -3.54
N VAL A 277 -23.33 -17.22 -2.53
CA VAL A 277 -21.95 -17.59 -2.28
C VAL A 277 -21.40 -18.48 -3.38
N ILE A 278 -22.27 -19.17 -4.11
CA ILE A 278 -21.84 -19.93 -5.27
C ILE A 278 -21.39 -18.97 -6.37
N LYS A 279 -22.25 -17.98 -6.63
CA LYS A 279 -21.95 -16.91 -7.55
C LYS A 279 -20.63 -16.20 -7.18
N MET A 280 -20.46 -15.90 -5.91
CA MET A 280 -19.19 -15.39 -5.39
C MET A 280 -18.03 -16.28 -5.79
N PHE A 281 -18.19 -17.60 -5.63
CA PHE A 281 -17.06 -18.45 -5.90
C PHE A 281 -16.71 -18.33 -7.36
N MET A 282 -17.73 -18.26 -8.21
CA MET A 282 -17.54 -18.25 -9.66
C MET A 282 -16.84 -16.98 -10.09
N ILE A 283 -17.28 -15.87 -9.49
CA ILE A 283 -16.77 -14.57 -9.87
C ILE A 283 -15.33 -14.45 -9.46
N GLY A 284 -14.99 -14.95 -8.28
CA GLY A 284 -13.62 -14.95 -7.79
C GLY A 284 -12.73 -15.71 -8.75
N ARG A 285 -13.15 -16.90 -9.16
CA ARG A 285 -12.40 -17.71 -10.10
C ARG A 285 -12.15 -16.94 -11.40
N ASP A 286 -13.22 -16.31 -11.90
CA ASP A 286 -13.20 -15.64 -13.18
C ASP A 286 -12.34 -14.40 -13.13
N LEU A 287 -12.25 -13.83 -11.93
CA LEU A 287 -11.44 -12.67 -11.69
C LEU A 287 -10.01 -13.09 -11.75
N MET A 288 -9.70 -14.19 -11.07
CA MET A 288 -8.32 -14.58 -10.93
C MET A 288 -7.78 -14.98 -12.28
N VAL A 289 -8.52 -15.80 -13.00
CA VAL A 289 -7.92 -16.39 -14.18
C VAL A 289 -8.66 -16.17 -15.47
N GLY A 290 -9.75 -15.44 -15.45
CA GLY A 290 -10.49 -15.27 -16.68
C GLY A 290 -11.37 -16.48 -16.96
N ASN A 291 -12.11 -16.41 -18.05
CA ASN A 291 -13.13 -17.38 -18.39
C ASN A 291 -13.64 -17.08 -19.77
N PRO A 292 -13.37 -17.98 -20.74
CA PRO A 292 -13.73 -17.82 -22.16
C PRO A 292 -15.24 -17.66 -22.29
N ARG A 293 -15.95 -18.35 -21.41
CA ARG A 293 -17.39 -18.36 -21.33
C ARG A 293 -17.95 -16.96 -21.21
N LEU A 294 -17.24 -16.09 -20.51
CA LEU A 294 -17.64 -14.68 -20.35
C LEU A 294 -17.56 -13.88 -21.66
N ALA A 295 -16.63 -14.27 -22.53
CA ALA A 295 -16.57 -13.63 -23.84
C ALA A 295 -17.79 -14.11 -24.67
N GLU A 296 -18.07 -15.42 -24.67
CA GLU A 296 -19.28 -15.95 -25.32
C GLU A 296 -20.54 -15.20 -24.91
N LEU A 297 -20.68 -14.87 -23.63
CA LEU A 297 -21.86 -14.13 -23.16
C LEU A 297 -21.77 -12.63 -23.39
N GLY A 298 -20.70 -12.17 -24.03
CA GLY A 298 -20.58 -10.76 -24.45
C GLY A 298 -20.03 -9.86 -23.37
N PHE A 299 -19.17 -10.42 -22.53
CA PHE A 299 -18.45 -9.64 -21.53
C PHE A 299 -16.98 -9.80 -21.85
N GLU A 300 -16.61 -9.30 -23.02
CA GLU A 300 -15.34 -9.64 -23.63
C GLU A 300 -14.21 -9.18 -22.76
N GLU A 301 -14.36 -7.99 -22.15
CA GLU A 301 -13.33 -7.46 -21.29
C GLU A 301 -13.11 -8.26 -20.03
N GLU A 302 -14.21 -8.56 -19.31
CA GLU A 302 -14.17 -9.29 -18.03
C GLU A 302 -13.56 -10.69 -18.16
N ALA A 303 -13.67 -11.22 -19.37
CA ALA A 303 -13.26 -12.57 -19.72
C ALA A 303 -11.76 -12.85 -19.59
N VAL A 304 -10.94 -11.79 -19.60
CA VAL A 304 -9.48 -11.98 -19.63
C VAL A 304 -8.91 -12.23 -18.24
N GLY A 305 -9.61 -11.74 -17.21
CA GLY A 305 -9.16 -12.00 -15.85
C GLY A 305 -8.03 -11.06 -15.45
N HIS A 306 -7.39 -11.39 -14.32
CA HIS A 306 -6.38 -10.53 -13.75
C HIS A 306 -5.02 -11.18 -13.65
N HIS A 307 -4.90 -12.36 -14.24
CA HIS A 307 -3.61 -13.04 -14.41
C HIS A 307 -3.03 -13.35 -13.02
N ALA A 308 -3.91 -13.70 -12.08
CA ALA A 308 -3.52 -13.91 -10.70
C ALA A 308 -3.21 -15.38 -10.45
N LEU A 309 -1.97 -15.64 -10.03
CA LEU A 309 -1.54 -16.95 -9.53
C LEU A 309 -2.03 -17.12 -8.07
N VAL A 310 -2.39 -15.99 -7.47
CA VAL A 310 -2.78 -15.91 -6.06
C VAL A 310 -3.58 -14.61 -5.89
N ALA A 311 -4.56 -14.66 -4.98
CA ALA A 311 -5.44 -13.54 -4.74
C ALA A 311 -5.90 -13.59 -3.29
N GLY A 312 -6.63 -12.55 -2.89
CA GLY A 312 -7.25 -12.53 -1.59
C GLY A 312 -8.52 -11.73 -1.60
N PHE A 313 -9.35 -11.91 -0.57
CA PHE A 313 -10.64 -11.26 -0.54
C PHE A 313 -10.73 -10.54 0.79
N GLN A 314 -10.84 -9.21 0.74
CA GLN A 314 -10.81 -8.40 1.96
C GLN A 314 -11.91 -8.90 2.92
N GLY A 315 -13.15 -8.87 2.46
CA GLY A 315 -14.24 -9.41 3.25
C GLY A 315 -14.64 -8.41 4.30
N GLN A 316 -14.24 -8.67 5.53
CA GLN A 316 -14.58 -7.79 6.63
C GLN A 316 -13.80 -6.50 6.48
N ARG A 317 -14.37 -5.38 6.92
CA ARG A 317 -15.69 -5.33 7.57
C ARG A 317 -16.80 -4.96 6.60
N GLN A 318 -16.48 -4.11 5.64
CA GLN A 318 -17.52 -3.52 4.81
C GLN A 318 -18.38 -4.53 4.02
N TRP A 319 -17.74 -5.54 3.43
CA TRP A 319 -18.49 -6.49 2.61
C TRP A 319 -19.32 -7.39 3.47
N THR A 320 -18.65 -8.11 4.38
CA THR A 320 -19.28 -9.08 5.26
C THR A 320 -20.37 -8.48 6.17
N ASP A 321 -20.30 -7.18 6.46
CA ASP A 321 -21.39 -6.51 7.18
C ASP A 321 -22.69 -6.41 6.43
N HIS A 322 -22.66 -6.68 5.14
CA HIS A 322 -23.80 -6.42 4.30
C HIS A 322 -24.23 -7.63 3.50
N PHE A 323 -23.23 -8.35 3.00
CA PHE A 323 -23.44 -9.45 2.06
C PHE A 323 -22.85 -10.72 2.66
N PRO A 324 -23.28 -11.88 2.14
CA PRO A 324 -22.73 -13.17 2.57
C PRO A 324 -21.21 -13.25 2.48
N ASN A 325 -20.56 -13.78 3.52
CA ASN A 325 -19.12 -13.74 3.62
C ASN A 325 -18.39 -14.60 2.60
N GLY A 326 -17.06 -14.56 2.65
CA GLY A 326 -16.22 -15.16 1.63
C GLY A 326 -15.89 -16.62 1.90
N ASP A 327 -16.46 -17.18 2.97
CA ASP A 327 -16.02 -18.51 3.39
C ASP A 327 -16.11 -19.56 2.31
N PHE A 328 -17.25 -19.58 1.64
CA PHE A 328 -17.52 -20.59 0.64
C PHE A 328 -16.50 -20.44 -0.49
N MET A 329 -16.44 -19.23 -1.01
CA MET A 329 -15.54 -18.93 -2.09
C MET A 329 -14.12 -19.28 -1.69
N GLU A 330 -13.70 -18.81 -0.50
CA GLU A 330 -12.34 -19.05 0.00
C GLU A 330 -12.06 -20.53 0.10
N THR A 331 -13.01 -21.25 0.68
CA THR A 331 -12.92 -22.68 0.86
C THR A 331 -12.72 -23.40 -0.46
N PHE A 332 -13.63 -23.20 -1.38
CA PHE A 332 -13.52 -23.90 -2.66
C PHE A 332 -12.40 -23.46 -3.60
N LEU A 333 -12.09 -22.16 -3.64
CA LEU A 333 -10.94 -21.75 -4.40
C LEU A 333 -9.73 -22.55 -3.96
N ASN A 334 -9.59 -22.74 -2.64
CA ASN A 334 -8.45 -23.50 -2.12
C ASN A 334 -8.57 -25.00 -2.19
N THR A 335 -9.76 -25.50 -2.50
CA THR A 335 -10.04 -26.94 -2.58
C THR A 335 -9.85 -27.47 -4.02
N GLN A 336 -9.42 -28.72 -4.13
CA GLN A 336 -9.09 -29.29 -5.40
C GLN A 336 -10.26 -29.94 -6.17
N PHE A 337 -11.48 -29.39 -6.05
CA PHE A 337 -12.62 -29.83 -6.86
C PHE A 337 -13.83 -28.92 -6.66
N ASP A 338 -14.77 -29.00 -7.59
CA ASP A 338 -16.10 -28.44 -7.39
C ASP A 338 -17.00 -29.07 -8.41
N TRP A 339 -18.14 -28.47 -8.66
CA TRP A 339 -19.06 -28.99 -9.67
C TRP A 339 -18.46 -29.23 -11.05
N ASN A 340 -17.28 -28.71 -11.30
CA ASN A 340 -16.63 -28.93 -12.60
C ASN A 340 -15.59 -30.07 -12.56
N GLY A 341 -15.41 -30.72 -11.42
CA GLY A 341 -14.43 -31.80 -11.33
C GLY A 341 -13.19 -31.45 -10.54
N ILE A 342 -12.34 -32.44 -10.33
CA ILE A 342 -11.08 -32.31 -9.61
C ILE A 342 -10.15 -31.38 -10.40
N ARG A 343 -9.41 -30.53 -9.69
CA ARG A 343 -8.60 -29.49 -10.35
C ARG A 343 -7.56 -28.88 -9.42
N LYS A 344 -6.60 -28.18 -10.02
CA LYS A 344 -5.68 -27.35 -9.26
C LYS A 344 -6.46 -26.42 -8.34
N PRO A 345 -5.87 -26.09 -7.19
CA PRO A 345 -6.50 -25.07 -6.36
C PRO A 345 -6.20 -23.70 -6.94
N PHE A 346 -6.86 -22.67 -6.45
CA PHE A 346 -6.47 -21.33 -6.77
C PHE A 346 -5.99 -20.76 -5.45
N VAL A 347 -4.69 -20.51 -5.32
CA VAL A 347 -4.19 -20.10 -4.01
C VAL A 347 -4.84 -18.79 -3.59
N PHE A 348 -5.51 -18.82 -2.45
CA PHE A 348 -6.39 -17.73 -2.10
C PHE A 348 -6.43 -17.44 -0.62
N ALA A 349 -6.32 -16.14 -0.32
CA ALA A 349 -6.12 -15.64 1.02
C ALA A 349 -7.35 -14.99 1.60
N THR A 350 -7.68 -15.41 2.82
CA THR A 350 -8.75 -14.82 3.59
C THR A 350 -8.29 -13.44 3.99
N GLU A 351 -9.24 -12.52 4.09
CA GLU A 351 -8.96 -11.19 4.59
C GLU A 351 -7.88 -10.51 3.75
N ASN A 352 -7.74 -10.93 2.50
CA ASN A 352 -6.75 -10.37 1.62
C ASN A 352 -5.36 -10.32 2.29
N ASP A 353 -5.07 -11.30 3.14
CA ASP A 353 -3.74 -11.36 3.76
C ASP A 353 -2.74 -11.85 2.71
N SER A 354 -2.18 -10.88 2.00
CA SER A 354 -1.35 -11.15 0.85
C SER A 354 -0.10 -11.85 1.27
N LEU A 355 0.37 -11.55 2.48
CA LEU A 355 1.56 -12.22 3.01
C LEU A 355 1.26 -13.71 3.27
N ASN A 356 0.09 -13.99 3.83
CA ASN A 356 -0.28 -15.39 4.02
C ASN A 356 -0.47 -16.07 2.67
N GLY A 357 -1.13 -15.37 1.76
CA GLY A 357 -1.25 -15.81 0.37
C GLY A 357 0.08 -16.21 -0.24
N VAL A 358 1.09 -15.37 -0.09
CA VAL A 358 2.39 -15.74 -0.66
C VAL A 358 2.99 -16.94 0.11
N SER A 359 2.78 -16.96 1.42
CA SER A 359 3.25 -18.07 2.23
C SER A 359 2.66 -19.39 1.70
N MET A 360 1.35 -19.38 1.46
CA MET A 360 0.66 -20.49 0.90
C MET A 360 1.24 -20.77 -0.46
N LEU A 361 1.49 -19.70 -1.23
CA LEU A 361 1.99 -19.89 -2.57
C LEU A 361 3.36 -20.55 -2.60
N PHE A 362 4.28 -20.15 -1.71
CA PHE A 362 5.56 -20.84 -1.64
C PHE A 362 5.33 -22.34 -1.48
N ASN A 363 4.57 -22.67 -0.43
CA ASN A 363 4.23 -24.05 -0.10
C ASN A 363 3.63 -24.81 -1.29
N TYR A 364 2.77 -24.13 -2.03
CA TYR A 364 2.03 -24.74 -3.10
C TYR A 364 2.94 -25.04 -4.28
N LEU A 365 3.76 -24.07 -4.67
CA LEU A 365 4.66 -24.29 -5.79
C LEU A 365 5.71 -25.30 -5.46
N LEU A 366 6.01 -25.50 -4.19
CA LEU A 366 7.02 -26.51 -3.81
C LEU A 366 6.52 -27.95 -3.74
N THR A 367 5.20 -28.11 -3.68
CA THR A 367 4.60 -29.40 -3.39
C THR A 367 3.54 -29.77 -4.42
N ASN A 368 2.95 -28.77 -5.07
CA ASN A 368 1.79 -28.98 -5.90
C ASN A 368 0.63 -29.54 -5.09
N THR A 369 0.56 -29.16 -3.82
CA THR A 369 -0.57 -29.51 -2.94
C THR A 369 -1.29 -28.25 -2.44
N PRO A 370 -2.62 -28.36 -2.21
CA PRO A 370 -3.40 -27.25 -1.69
C PRO A 370 -2.93 -26.89 -0.29
N GLN A 371 -3.39 -25.74 0.21
CA GLN A 371 -2.76 -25.11 1.35
C GLN A 371 -3.79 -24.63 2.35
N ILE A 372 -3.54 -24.92 3.62
CA ILE A 372 -4.39 -24.47 4.70
C ILE A 372 -4.05 -23.03 5.09
N PHE A 373 -5.08 -22.19 5.07
CA PHE A 373 -5.00 -20.82 5.63
C PHE A 373 -5.64 -20.94 7.02
N ALA A 374 -4.98 -20.42 8.05
CA ALA A 374 -5.50 -20.53 9.43
C ALA A 374 -4.98 -19.43 10.34
N ASP A 375 -5.82 -18.98 11.25
CA ASP A 375 -5.38 -18.16 12.39
C ASP A 375 -4.73 -19.06 13.41
N VAL A 376 -3.59 -18.59 13.93
CA VAL A 376 -2.95 -19.24 15.06
C VAL A 376 -3.70 -18.76 16.30
N ARG A 377 -4.63 -19.58 16.75
CA ARG A 377 -5.67 -19.13 17.66
C ARG A 377 -5.28 -19.20 19.13
N THR A 378 -4.89 -20.39 19.56
CA THR A 378 -4.57 -20.59 20.96
C THR A 378 -3.32 -21.44 21.02
N TYR A 379 -2.53 -21.19 22.04
CA TYR A 379 -1.56 -22.17 22.50
C TYR A 379 -2.18 -22.86 23.71
N TRP A 380 -2.28 -24.19 23.62
CA TRP A 380 -2.72 -25.05 24.72
C TRP A 380 -1.53 -25.69 25.43
N SER A 381 -1.23 -25.23 26.62
CA SER A 381 -0.16 -25.83 27.39
C SER A 381 -0.76 -27.08 28.01
N PRO A 382 0.10 -28.06 28.38
CA PRO A 382 -0.38 -29.26 29.07
C PRO A 382 -1.14 -28.90 30.37
N GLU A 383 -0.60 -27.96 31.15
CA GLU A 383 -1.26 -27.51 32.40
C GLU A 383 -2.71 -27.05 32.15
N ALA A 384 -2.93 -26.36 31.04
CA ALA A 384 -4.23 -25.79 30.73
C ALA A 384 -5.20 -26.85 30.24
N VAL A 385 -4.70 -27.83 29.49
CA VAL A 385 -5.54 -28.93 29.00
C VAL A 385 -6.04 -29.75 30.21
N LYS A 386 -5.11 -30.15 31.07
CA LYS A 386 -5.38 -30.84 32.34
C LYS A 386 -6.45 -30.07 33.14
N ARG A 387 -6.26 -28.77 33.33
CA ARG A 387 -7.23 -27.98 34.07
C ARG A 387 -8.61 -28.00 33.39
N VAL A 388 -8.65 -27.74 32.09
CA VAL A 388 -9.93 -27.58 31.43
C VAL A 388 -10.60 -28.92 31.12
N THR A 389 -9.81 -29.98 30.96
CA THR A 389 -10.38 -31.22 30.43
C THR A 389 -10.19 -32.42 31.35
N GLY A 390 -9.17 -32.37 32.20
CA GLY A 390 -8.88 -33.52 33.04
C GLY A 390 -7.79 -34.36 32.42
N HIS A 391 -7.71 -34.28 31.09
CA HIS A 391 -6.77 -35.10 30.33
C HIS A 391 -5.30 -34.62 30.43
N THR A 392 -4.38 -35.58 30.55
CA THR A 392 -2.93 -35.39 30.50
C THR A 392 -2.50 -35.80 29.09
N LEU A 393 -1.87 -34.88 28.37
CA LEU A 393 -1.49 -35.11 26.97
C LEU A 393 -0.37 -36.10 26.90
N GLU A 394 -0.43 -37.01 25.92
CA GLU A 394 0.67 -37.95 25.64
C GLU A 394 1.02 -37.93 24.15
N GLY A 395 2.10 -38.61 23.81
CA GLY A 395 2.53 -38.68 22.41
C GLY A 395 2.95 -37.31 21.93
N ARG A 396 2.64 -37.02 20.65
CA ARG A 396 3.06 -35.80 19.98
C ARG A 396 2.48 -34.54 20.63
N ALA A 397 1.30 -34.66 21.24
CA ALA A 397 0.67 -33.55 21.94
C ALA A 397 1.24 -33.36 23.33
N ALA A 398 2.12 -34.28 23.73
CA ALA A 398 2.67 -34.32 25.07
C ALA A 398 3.12 -32.96 25.60
N ALA A 399 3.72 -32.15 24.71
CA ALA A 399 4.41 -30.91 25.07
C ALA A 399 3.59 -29.64 24.81
N GLY A 400 2.27 -29.77 24.73
CA GLY A 400 1.41 -28.64 24.38
C GLY A 400 1.19 -28.61 22.88
N PHE A 401 0.30 -27.73 22.40
CA PHE A 401 0.01 -27.68 20.96
C PHE A 401 -0.69 -26.38 20.58
N LEU A 402 -0.99 -26.24 19.29
CA LEU A 402 -1.59 -25.01 18.77
C LEU A 402 -2.93 -25.25 18.10
N HIS A 403 -3.90 -24.40 18.40
CA HIS A 403 -5.17 -24.47 17.72
C HIS A 403 -5.13 -23.59 16.49
N LEU A 404 -4.96 -24.23 15.33
CA LEU A 404 -5.00 -23.56 14.04
C LEU A 404 -6.41 -23.65 13.48
N ILE A 405 -7.01 -22.50 13.22
CA ILE A 405 -8.43 -22.43 12.86
C ILE A 405 -8.74 -21.13 12.13
N ASN A 406 -9.07 -21.21 10.85
CA ASN A 406 -9.43 -20.00 10.13
C ASN A 406 -10.81 -19.44 10.48
N SER A 407 -11.00 -18.13 10.39
CA SER A 407 -12.29 -17.52 10.67
C SER A 407 -13.38 -17.82 9.66
N GLY A 408 -13.37 -19.02 9.09
CA GLY A 408 -14.49 -19.52 8.32
C GLY A 408 -14.24 -20.47 7.17
N SER A 409 -13.01 -20.50 6.65
CA SER A 409 -12.81 -21.18 5.38
C SER A 409 -11.53 -21.96 5.40
N CYS A 410 -11.53 -23.06 4.68
CA CYS A 410 -10.32 -23.83 4.62
C CYS A 410 -10.43 -24.85 3.52
N THR A 411 -9.31 -25.08 2.84
CA THR A 411 -9.30 -26.05 1.76
C THR A 411 -9.90 -27.34 2.29
N LEU A 412 -10.83 -27.93 1.54
CA LEU A 412 -11.40 -29.21 1.95
C LEU A 412 -10.34 -30.33 1.99
N ASP A 413 -9.29 -30.21 1.18
CA ASP A 413 -8.18 -31.17 1.27
C ASP A 413 -7.56 -31.15 2.67
N GLY A 414 -7.79 -30.06 3.39
CA GLY A 414 -7.29 -29.88 4.78
C GLY A 414 -7.90 -30.84 5.82
N THR A 415 -9.06 -31.44 5.50
CA THR A 415 -9.60 -32.55 6.27
C THR A 415 -8.56 -33.63 6.52
N GLY A 416 -7.74 -33.93 5.50
CA GLY A 416 -6.73 -34.97 5.63
C GLY A 416 -7.35 -36.30 5.29
N GLN A 417 -8.47 -36.26 4.56
CA GLN A 417 -9.18 -37.48 4.13
C GLN A 417 -8.43 -38.25 3.04
N ALA A 418 -7.59 -37.58 2.25
CA ALA A 418 -6.73 -38.29 1.30
C ALA A 418 -5.72 -39.16 2.07
N THR A 419 -5.34 -40.30 1.48
CA THR A 419 -4.62 -41.36 2.18
C THR A 419 -3.49 -41.92 1.34
N ARG A 420 -2.33 -42.13 1.97
CA ARG A 420 -1.25 -42.88 1.37
C ARG A 420 -0.61 -43.77 2.43
N ASP A 421 -0.50 -45.07 2.11
CA ASP A 421 -0.05 -46.10 3.06
C ASP A 421 -0.86 -46.01 4.34
N GLY A 422 -2.17 -45.84 4.18
CA GLY A 422 -3.05 -45.71 5.34
C GLY A 422 -2.69 -44.57 6.28
N LYS A 423 -2.07 -43.50 5.74
CA LYS A 423 -1.82 -42.30 6.52
C LYS A 423 -2.48 -41.12 5.81
N PRO A 424 -2.91 -40.10 6.56
CA PRO A 424 -3.55 -38.92 5.95
C PRO A 424 -2.55 -38.00 5.24
N ILE A 425 -2.93 -37.48 4.07
CA ILE A 425 -2.11 -36.55 3.27
C ILE A 425 -2.97 -35.53 2.56
N MET A 426 -2.31 -34.53 2.00
CA MET A 426 -2.92 -33.68 1.01
C MET A 426 -2.17 -33.99 -0.27
N LYS A 427 -2.91 -34.27 -1.33
CA LYS A 427 -2.30 -34.79 -2.53
C LYS A 427 -2.40 -33.72 -3.60
N PRO A 428 -1.45 -33.71 -4.55
CA PRO A 428 -1.67 -33.00 -5.82
C PRO A 428 -2.94 -33.51 -6.45
N PHE A 429 -3.68 -32.64 -7.12
CA PHE A 429 -5.04 -32.96 -7.52
C PHE A 429 -5.13 -34.18 -8.41
N TRP A 430 -4.15 -34.34 -9.30
CA TRP A 430 -4.18 -35.48 -10.23
C TRP A 430 -4.01 -36.82 -9.50
N GLU A 431 -3.62 -36.81 -8.23
CA GLU A 431 -3.53 -38.06 -7.51
C GLU A 431 -4.77 -38.33 -6.63
N LEU A 432 -5.76 -37.44 -6.69
CA LEU A 432 -6.92 -37.61 -5.81
C LEU A 432 -7.83 -38.70 -6.34
N GLU A 433 -8.27 -39.60 -5.45
CA GLU A 433 -9.31 -40.56 -5.81
C GLU A 433 -10.72 -40.05 -5.46
N GLU A 434 -11.67 -40.39 -6.33
CA GLU A 434 -13.12 -40.23 -6.09
C GLU A 434 -13.61 -40.41 -4.67
N SER A 435 -13.22 -41.53 -4.06
CA SER A 435 -13.62 -41.89 -2.72
C SER A 435 -13.07 -40.87 -1.71
N GLU A 436 -11.89 -40.33 -2.04
CA GLU A 436 -11.16 -39.37 -1.20
C GLU A 436 -11.84 -38.02 -1.22
N VAL A 437 -12.21 -37.59 -2.41
CA VAL A 437 -12.99 -36.38 -2.59
C VAL A 437 -14.32 -36.52 -1.82
N GLN A 438 -15.01 -37.65 -2.02
CA GLN A 438 -16.25 -37.95 -1.31
C GLN A 438 -16.08 -37.88 0.21
N ALA A 439 -14.99 -38.46 0.73
CA ALA A 439 -14.68 -38.43 2.14
C ALA A 439 -14.50 -37.03 2.68
N MET A 440 -13.93 -36.13 1.87
CA MET A 440 -13.70 -34.78 2.34
C MET A 440 -15.05 -34.12 2.51
N LEU A 441 -15.88 -34.28 1.48
CA LEU A 441 -17.24 -33.80 1.54
C LEU A 441 -17.98 -34.34 2.73
N GLU A 442 -17.92 -35.66 2.96
CA GLU A 442 -18.70 -36.28 4.03
C GLU A 442 -18.30 -35.72 5.36
N ASN A 443 -17.00 -35.49 5.54
CA ASN A 443 -16.52 -35.09 6.85
C ASN A 443 -16.46 -33.59 7.07
N THR A 444 -17.19 -32.86 6.24
CA THR A 444 -17.30 -31.42 6.36
C THR A 444 -18.77 -31.09 6.34
N ASP A 445 -19.18 -30.18 7.20
CA ASP A 445 -20.43 -29.48 6.96
C ASP A 445 -20.20 -27.98 6.96
N PHE A 446 -21.24 -27.23 6.63
CA PHE A 446 -21.12 -25.80 6.43
C PHE A 446 -22.06 -25.00 7.31
N PRO A 447 -21.64 -24.67 8.54
CA PRO A 447 -22.54 -23.98 9.47
C PRO A 447 -22.84 -22.57 8.98
N PRO A 448 -24.11 -22.13 9.05
CA PRO A 448 -24.36 -20.68 8.77
C PRO A 448 -23.33 -19.76 9.42
N ALA A 449 -23.02 -18.62 8.79
CA ALA A 449 -22.05 -17.65 9.35
C ALA A 449 -22.58 -17.10 10.65
N ASN A 450 -21.69 -16.89 11.62
CA ASN A 450 -22.09 -16.30 12.88
C ASN A 450 -22.39 -14.80 12.66
N ARG A 451 -23.68 -14.48 12.64
CA ARG A 451 -24.15 -13.16 12.23
C ARG A 451 -23.82 -11.95 13.14
N GLU A 452 -23.11 -12.17 14.26
CA GLU A 452 -22.73 -11.04 15.09
C GLU A 452 -21.42 -10.51 14.55
N TYR A 453 -20.71 -11.39 13.87
CA TYR A 453 -19.45 -11.09 13.22
C TYR A 453 -19.67 -10.78 11.73
N PHE A 454 -20.68 -11.38 11.14
CA PHE A 454 -20.95 -11.21 9.73
C PHE A 454 -22.44 -10.98 9.55
N ARG A 455 -22.97 -9.76 9.81
CA ARG A 455 -24.44 -9.53 9.70
C ARG A 455 -24.91 -10.10 8.34
N GLY A 456 -24.03 -10.09 7.35
CA GLY A 456 -24.44 -10.42 5.99
C GLY A 456 -24.65 -11.89 5.73
N GLY A 457 -24.32 -12.74 6.70
CA GLY A 457 -24.44 -14.20 6.52
C GLY A 457 -23.37 -14.91 5.70
N GLY A 458 -23.79 -15.89 4.91
CA GLY A 458 -22.87 -16.86 4.35
C GLY A 458 -22.89 -18.16 5.14
N PHE A 459 -21.89 -19.01 4.91
CA PHE A 459 -21.75 -20.34 5.53
C PHE A 459 -20.29 -20.65 5.68
N SER A 460 -19.86 -20.92 6.91
CA SER A 460 -18.48 -21.28 7.20
C SER A 460 -18.20 -22.74 6.82
N THR A 461 -16.98 -23.22 7.07
CA THR A 461 -16.53 -24.56 6.68
C THR A 461 -16.04 -25.26 7.94
N ARG A 462 -16.67 -26.38 8.31
CA ARG A 462 -16.32 -26.98 9.57
C ARG A 462 -15.89 -28.37 9.33
N PHE A 463 -14.71 -28.68 9.83
CA PHE A 463 -14.22 -30.01 9.80
C PHE A 463 -13.08 -30.10 10.78
N LEU A 464 -12.58 -31.31 11.00
CA LEU A 464 -11.44 -31.49 11.84
C LEU A 464 -10.39 -32.30 11.08
N THR A 465 -9.20 -31.74 10.98
CA THR A 465 -8.11 -32.33 10.23
C THR A 465 -7.66 -33.57 10.96
N LYS A 466 -7.66 -34.71 10.25
CA LYS A 466 -7.14 -35.98 10.77
C LYS A 466 -5.79 -35.70 11.42
N GLY A 467 -5.45 -36.47 12.42
CA GLY A 467 -4.23 -36.22 13.17
C GLY A 467 -3.12 -37.11 12.65
N ASP A 468 -1.97 -36.99 13.29
CA ASP A 468 -0.77 -37.71 12.91
C ASP A 468 -0.31 -37.48 11.45
N MET A 469 -0.62 -36.29 10.91
CA MET A 469 -0.21 -35.90 9.54
C MET A 469 0.97 -34.93 9.56
N PRO A 470 2.09 -35.30 8.90
CA PRO A 470 3.24 -34.40 8.92
C PRO A 470 2.94 -33.18 8.09
N VAL A 471 3.20 -32.01 8.69
CA VAL A 471 2.97 -30.70 8.07
C VAL A 471 4.07 -29.66 8.38
N THR A 472 4.07 -28.60 7.59
CA THR A 472 4.90 -27.43 7.84
C THR A 472 3.99 -26.20 7.93
N MET A 473 4.20 -25.37 8.95
CA MET A 473 3.49 -24.10 9.04
C MET A 473 4.45 -22.96 8.68
N VAL A 474 3.94 -22.03 7.90
CA VAL A 474 4.79 -21.07 7.23
C VAL A 474 4.18 -19.69 7.27
N ARG A 475 5.04 -18.71 7.52
CA ARG A 475 4.61 -17.31 7.41
C ARG A 475 5.73 -16.38 6.87
N LEU A 476 5.37 -15.58 5.86
CA LEU A 476 6.22 -14.46 5.47
C LEU A 476 5.83 -13.23 6.26
N ASN A 477 6.80 -12.56 6.85
CA ASN A 477 6.52 -11.26 7.46
C ASN A 477 7.33 -10.14 6.84
N LEU A 478 6.75 -8.94 6.76
CA LEU A 478 7.50 -7.76 6.31
C LEU A 478 8.10 -7.03 7.52
N LEU A 479 9.42 -6.92 7.54
CA LEU A 479 10.13 -6.21 8.60
C LEU A 479 10.60 -4.92 7.99
N LYS A 480 10.02 -3.82 8.48
CA LYS A 480 10.40 -2.47 8.03
C LYS A 480 11.90 -2.28 7.86
N GLY A 481 12.34 -1.91 6.66
CA GLY A 481 13.72 -1.49 6.43
C GLY A 481 14.63 -2.67 6.28
N VAL A 482 14.03 -3.85 6.13
CA VAL A 482 14.79 -5.05 5.85
C VAL A 482 14.08 -5.71 4.68
N GLY A 483 12.77 -5.93 4.82
CA GLY A 483 11.96 -6.56 3.80
C GLY A 483 11.30 -7.80 4.33
N PRO A 484 11.01 -8.77 3.45
CA PRO A 484 10.36 -9.99 3.94
C PRO A 484 11.34 -10.86 4.70
N VAL A 485 10.86 -11.50 5.75
CA VAL A 485 11.57 -12.58 6.45
C VAL A 485 10.65 -13.83 6.53
N LEU A 486 11.22 -15.03 6.43
CA LEU A 486 10.41 -16.24 6.43
C LEU A 486 10.51 -16.99 7.76
N GLN A 487 9.39 -17.46 8.29
CA GLN A 487 9.45 -18.39 9.40
C GLN A 487 8.84 -19.75 9.04
N ILE A 488 9.52 -20.81 9.46
CA ILE A 488 9.14 -22.19 9.14
C ILE A 488 8.99 -23.00 10.43
N ALA A 489 7.93 -23.79 10.49
CA ALA A 489 7.68 -24.66 11.64
C ALA A 489 7.17 -26.02 11.21
N GLU A 490 8.07 -27.01 11.17
CA GLU A 490 7.68 -28.39 10.86
C GLU A 490 7.06 -29.03 12.06
N GLY A 491 6.02 -29.80 11.84
CA GLY A 491 5.39 -30.54 12.90
C GLY A 491 4.43 -31.59 12.37
N TYR A 492 3.41 -31.89 13.19
CA TYR A 492 2.42 -32.92 12.92
C TYR A 492 1.06 -32.43 13.38
N THR A 493 -0.01 -32.81 12.65
CA THR A 493 -1.34 -32.62 13.22
C THR A 493 -1.54 -33.61 14.34
N LEU A 494 -2.45 -33.28 15.23
CA LEU A 494 -2.76 -34.14 16.37
C LEU A 494 -4.19 -34.62 16.30
N GLU A 495 -4.40 -35.87 16.71
CA GLU A 495 -5.74 -36.30 17.11
C GLU A 495 -5.80 -36.28 18.64
N LEU A 496 -6.78 -35.59 19.18
CA LEU A 496 -6.97 -35.55 20.61
C LEU A 496 -8.05 -36.55 21.04
N PRO A 497 -8.09 -36.93 22.34
CA PRO A 497 -9.26 -37.70 22.77
C PRO A 497 -10.52 -36.95 22.38
N GLU A 498 -11.55 -37.69 22.00
CA GLU A 498 -12.77 -37.11 21.44
C GLU A 498 -13.45 -36.10 22.40
N ASP A 499 -13.41 -36.39 23.71
CA ASP A 499 -13.96 -35.52 24.75
CA ASP A 499 -14.02 -35.46 24.66
C ASP A 499 -13.14 -34.24 24.88
N VAL A 500 -11.84 -34.40 24.66
CA VAL A 500 -10.88 -33.31 24.78
C VAL A 500 -11.07 -32.32 23.64
N HIS A 501 -10.99 -32.82 22.40
CA HIS A 501 -11.36 -32.02 21.22
C HIS A 501 -12.65 -31.20 21.40
N HIS A 502 -13.72 -31.85 21.87
CA HIS A 502 -15.04 -31.22 21.89
C HIS A 502 -15.11 -30.12 22.95
N THR A 503 -14.32 -30.27 24.01
CA THR A 503 -14.32 -29.27 25.06
C THR A 503 -13.61 -28.03 24.53
N LEU A 504 -12.43 -28.25 23.93
CA LEU A 504 -11.62 -27.15 23.42
C LEU A 504 -12.30 -26.46 22.21
N ASP A 505 -12.92 -27.26 21.34
CA ASP A 505 -13.70 -26.74 20.22
C ASP A 505 -14.84 -25.77 20.64
N ASN A 506 -15.77 -26.25 21.48
CA ASN A 506 -17.03 -25.53 21.79
C ASN A 506 -16.74 -24.23 22.52
N ARG A 507 -15.63 -24.28 23.23
CA ARG A 507 -15.06 -23.19 23.98
C ARG A 507 -14.43 -22.13 23.08
N THR A 508 -14.12 -22.50 21.83
CA THR A 508 -13.38 -21.60 20.93
C THR A 508 -14.25 -21.05 19.79
N ASP A 509 -14.31 -21.77 18.67
CA ASP A 509 -15.25 -21.50 17.58
C ASP A 509 -15.65 -22.80 16.90
N PRO A 510 -16.66 -23.48 17.45
CA PRO A 510 -17.03 -24.79 16.94
C PRO A 510 -17.63 -24.73 15.54
N GLY A 511 -17.80 -23.52 15.00
CA GLY A 511 -18.39 -23.31 13.67
C GLY A 511 -17.36 -23.28 12.56
N TRP A 512 -16.08 -23.27 12.95
CA TRP A 512 -14.99 -23.16 11.99
C TRP A 512 -14.14 -24.41 11.96
N PRO A 513 -13.25 -24.52 10.94
CA PRO A 513 -12.45 -25.74 10.76
C PRO A 513 -11.25 -25.75 11.69
N THR A 514 -10.90 -26.94 12.17
CA THR A 514 -9.85 -27.11 13.18
C THR A 514 -8.71 -28.04 12.76
N THR A 515 -7.48 -27.60 13.06
CA THR A 515 -6.28 -28.40 12.96
C THR A 515 -5.48 -28.25 14.24
N TRP A 516 -5.13 -29.37 14.85
CA TRP A 516 -4.36 -29.35 16.06
C TRP A 516 -2.96 -29.57 15.59
N PHE A 517 -2.08 -28.63 15.94
CA PHE A 517 -0.71 -28.68 15.47
C PHE A 517 0.26 -28.68 16.63
N ALA A 518 1.23 -29.58 16.54
CA ALA A 518 2.36 -29.57 17.43
C ALA A 518 3.63 -29.45 16.58
N PRO A 519 4.42 -28.37 16.80
CA PRO A 519 5.67 -28.22 16.07
C PRO A 519 6.78 -29.11 16.65
N ARG A 520 7.71 -29.56 15.83
CA ARG A 520 8.86 -30.26 16.32
C ARG A 520 9.72 -29.30 17.17
N LEU A 521 10.04 -29.68 18.41
CA LEU A 521 10.94 -28.91 19.24
C LEU A 521 12.37 -29.31 18.95
N THR A 522 13.31 -28.38 19.10
CA THR A 522 14.73 -28.71 18.88
C THR A 522 15.67 -28.36 20.06
N GLY A 523 15.22 -27.51 20.99
CA GLY A 523 16.09 -27.02 22.07
C GLY A 523 16.91 -25.81 21.64
N LYS A 524 16.88 -25.52 20.34
CA LYS A 524 17.53 -24.38 19.76
C LYS A 524 16.45 -23.31 19.50
N GLY A 525 16.81 -22.06 19.79
CA GLY A 525 16.13 -20.89 19.23
C GLY A 525 14.73 -20.73 19.78
N ALA A 526 13.76 -20.54 18.88
CA ALA A 526 12.38 -20.38 19.29
C ALA A 526 11.67 -21.71 19.33
N PHE A 527 12.42 -22.81 19.21
CA PHE A 527 11.87 -24.16 19.31
C PHE A 527 12.31 -24.94 20.56
N LYS A 528 12.44 -24.24 21.69
CA LYS A 528 12.70 -24.89 22.96
C LYS A 528 11.39 -25.42 23.52
N SER A 529 10.29 -24.79 23.15
CA SER A 529 8.97 -25.16 23.68
C SER A 529 7.92 -24.72 22.71
N VAL A 530 6.78 -25.38 22.72
CA VAL A 530 5.71 -25.08 21.80
C VAL A 530 5.17 -23.66 22.05
N TYR A 531 5.29 -23.18 23.29
CA TYR A 531 4.94 -21.80 23.59
C TYR A 531 5.84 -20.87 22.81
N ASP A 532 7.14 -21.06 22.98
CA ASP A 532 8.11 -20.24 22.29
C ASP A 532 7.87 -20.11 20.78
N VAL A 533 7.47 -21.21 20.14
CA VAL A 533 7.06 -21.15 18.75
C VAL A 533 5.94 -20.12 18.57
N MET A 534 4.80 -20.31 19.19
CA MET A 534 3.68 -19.38 19.08
C MET A 534 4.08 -17.94 19.46
N ASN A 535 4.91 -17.83 20.47
CA ASN A 535 5.31 -16.52 21.00
C ASN A 535 6.24 -15.79 20.04
N ASN A 536 6.90 -16.57 19.20
CA ASN A 536 7.68 -16.02 18.13
C ASN A 536 6.98 -16.02 16.75
N TRP A 537 5.75 -16.48 16.66
CA TRP A 537 5.07 -16.37 15.38
C TRP A 537 4.73 -14.90 15.10
N GLY A 538 5.06 -14.44 13.88
CA GLY A 538 5.09 -13.01 13.54
C GLY A 538 3.78 -12.42 13.02
N ALA A 539 2.77 -13.27 12.82
CA ALA A 539 1.42 -12.83 12.44
C ALA A 539 0.37 -13.71 13.10
N ASN A 540 -0.88 -13.28 13.03
CA ASN A 540 -2.01 -14.10 13.47
C ASN A 540 -2.29 -15.21 12.48
N HIS A 541 -1.64 -15.18 11.31
CA HIS A 541 -1.86 -16.20 10.27
C HIS A 541 -0.68 -17.14 9.92
N GLY A 542 -1.02 -18.33 9.45
CA GLY A 542 -0.05 -19.29 9.00
C GLY A 542 -0.56 -19.90 7.72
N ALA A 543 0.36 -20.34 6.88
CA ALA A 543 0.01 -21.23 5.80
C ALA A 543 0.52 -22.60 6.20
N ILE A 544 -0.35 -23.59 6.03
CA ILE A 544 0.01 -24.93 6.45
C ILE A 544 -0.12 -25.90 5.31
N THR A 545 0.99 -26.59 5.06
CA THR A 545 1.09 -27.57 3.97
C THR A 545 1.31 -28.97 4.50
N TYR A 546 0.79 -29.94 3.77
CA TYR A 546 1.18 -31.29 4.00
C TYR A 546 2.65 -31.36 3.73
N GLY A 547 3.35 -32.18 4.50
CA GLY A 547 4.72 -32.51 4.15
C GLY A 547 5.65 -31.75 5.06
N HIS A 548 6.82 -32.31 5.23
CA HIS A 548 7.89 -31.58 5.85
C HIS A 548 8.72 -30.91 4.77
N ILE A 549 8.38 -29.68 4.42
CA ILE A 549 9.06 -28.99 3.32
C ILE A 549 9.96 -27.86 3.75
N GLY A 550 10.38 -27.88 5.02
CA GLY A 550 11.25 -26.84 5.59
C GLY A 550 12.53 -26.56 4.80
N ALA A 551 13.28 -27.61 4.46
CA ALA A 551 14.53 -27.50 3.72
C ALA A 551 14.30 -26.89 2.34
N ASP A 552 13.18 -27.24 1.73
CA ASP A 552 12.81 -26.72 0.43
C ASP A 552 12.56 -25.22 0.53
N LEU A 553 11.98 -24.79 1.65
CA LEU A 553 11.64 -23.41 1.85
C LEU A 553 12.89 -22.59 2.12
N ILE A 554 13.80 -23.14 2.92
CA ILE A 554 15.07 -22.48 3.18
C ILE A 554 15.76 -22.18 1.86
N THR A 555 15.85 -23.19 0.99
CA THR A 555 16.47 -23.04 -0.31
C THR A 555 15.80 -21.97 -1.15
N LEU A 556 14.48 -22.07 -1.34
CA LEU A 556 13.66 -21.05 -2.03
C LEU A 556 13.92 -19.66 -1.45
N ALA A 557 13.81 -19.54 -0.13
CA ALA A 557 14.13 -18.29 0.54
C ALA A 557 15.49 -17.76 0.05
N SER A 558 16.50 -18.61 0.05
CA SER A 558 17.81 -18.14 -0.32
C SER A 558 17.83 -17.68 -1.79
N MET A 559 17.09 -18.38 -2.66
CA MET A 559 17.04 -17.99 -4.06
C MET A 559 16.50 -16.59 -4.28
N LEU A 560 15.55 -16.22 -3.41
CA LEU A 560 14.77 -14.98 -3.50
C LEU A 560 15.39 -13.95 -2.56
N ARG A 561 16.47 -14.34 -1.90
CA ARG A 561 17.16 -13.54 -0.87
C ARG A 561 16.27 -13.02 0.24
N ILE A 562 15.35 -13.87 0.68
CA ILE A 562 14.55 -13.61 1.86
C ILE A 562 15.23 -14.32 3.03
N PRO A 563 15.64 -13.56 4.06
CA PRO A 563 16.22 -14.22 5.24
C PRO A 563 15.19 -15.08 6.00
N VAL A 564 15.68 -16.17 6.58
CA VAL A 564 14.85 -17.07 7.36
C VAL A 564 15.08 -16.76 8.84
N ASN A 565 14.07 -16.21 9.49
CA ASN A 565 14.27 -15.75 10.84
C ASN A 565 14.08 -16.83 11.89
N MET A 566 13.42 -17.90 11.48
CA MET A 566 12.99 -18.88 12.43
C MET A 566 12.63 -20.15 11.70
N HIS A 567 13.29 -21.25 12.04
CA HIS A 567 12.96 -22.59 11.47
C HIS A 567 13.49 -23.69 12.40
N ASN A 568 12.97 -24.90 12.21
CA ASN A 568 13.38 -26.05 12.99
C ASN A 568 13.83 -27.15 12.04
N VAL A 569 14.36 -26.75 10.89
CA VAL A 569 14.94 -27.69 9.94
C VAL A 569 16.30 -28.01 10.47
N PRO A 570 16.72 -29.28 10.38
CA PRO A 570 18.08 -29.52 10.90
C PRO A 570 19.13 -28.88 10.02
N GLU A 571 20.16 -28.34 10.66
CA GLU A 571 21.25 -27.62 10.01
C GLU A 571 21.86 -28.36 8.79
N GLU A 572 22.00 -29.68 8.88
CA GLU A 572 22.58 -30.49 7.77
C GLU A 572 21.78 -30.46 6.47
N ASP A 573 20.46 -30.21 6.53
CA ASP A 573 19.62 -30.15 5.33
C ASP A 573 19.53 -28.74 4.70
N ILE A 574 19.96 -27.72 5.46
CA ILE A 574 20.08 -26.37 4.96
C ILE A 574 20.99 -26.36 3.72
N PHE A 575 20.42 -25.92 2.61
CA PHE A 575 21.09 -25.96 1.31
C PHE A 575 20.86 -24.60 0.66
N ARG A 576 21.94 -23.82 0.55
CA ARG A 576 21.92 -22.42 0.14
C ARG A 576 22.97 -22.14 -0.94
N PRO A 577 22.89 -20.99 -1.65
CA PRO A 577 23.97 -20.84 -2.63
C PRO A 577 25.29 -20.87 -1.92
N LYS A 578 26.30 -21.44 -2.59
CA LYS A 578 27.62 -21.62 -2.00
C LYS A 578 28.23 -20.33 -1.43
N ASN A 579 28.00 -19.20 -2.08
CA ASN A 579 28.54 -17.97 -1.50
C ASN A 579 27.99 -17.53 -0.14
N TRP A 580 26.84 -18.05 0.31
CA TRP A 580 26.45 -17.82 1.71
C TRP A 580 27.56 -18.21 2.70
N SER A 581 28.37 -19.21 2.37
CA SER A 581 29.30 -19.67 3.37
C SER A 581 30.35 -18.59 3.57
N LEU A 582 30.58 -17.79 2.54
CA LEU A 582 31.59 -16.75 2.66
C LEU A 582 31.17 -15.63 3.64
N PHE A 583 29.88 -15.53 3.93
CA PHE A 583 29.34 -14.64 4.97
C PHE A 583 29.43 -15.28 6.36
N GLY A 584 29.80 -16.56 6.41
CA GLY A 584 30.05 -17.25 7.66
C GLY A 584 29.55 -18.66 7.68
N THR A 585 30.28 -19.51 8.39
CA THR A 585 29.91 -20.92 8.45
C THR A 585 29.39 -21.37 9.81
N GLU A 586 29.56 -20.51 10.82
CA GLU A 586 29.30 -20.83 12.20
C GLU A 586 27.93 -20.33 12.57
N ASP A 587 27.67 -19.07 12.27
CA ASP A 587 26.42 -18.42 12.61
C ASP A 587 25.54 -18.33 11.40
N LEU A 588 25.03 -19.48 10.95
CA LEU A 588 24.23 -19.53 9.74
C LEU A 588 23.12 -18.46 9.62
N GLU A 589 22.35 -18.25 10.70
CA GLU A 589 21.34 -17.20 10.69
C GLU A 589 21.94 -15.84 10.30
N SER A 590 22.96 -15.38 11.00
CA SER A 590 23.55 -14.08 10.68
C SER A 590 24.18 -14.04 9.28
N ALA A 591 24.90 -15.11 8.94
CA ALA A 591 25.41 -15.22 7.58
C ALA A 591 24.25 -15.02 6.59
N ASP A 592 23.11 -15.62 6.87
CA ASP A 592 21.94 -15.50 6.02
C ASP A 592 21.46 -14.05 5.89
N TYR A 593 21.24 -13.35 7.00
CA TYR A 593 20.79 -11.96 6.93
C TYR A 593 21.80 -11.13 6.18
N ARG A 594 23.08 -11.27 6.50
CA ARG A 594 24.13 -10.57 5.77
C ARG A 594 24.02 -10.75 4.26
N ALA A 595 23.90 -12.00 3.80
CA ALA A 595 23.90 -12.29 2.37
C ALA A 595 22.67 -11.65 1.68
N CYS A 596 21.49 -11.91 2.24
CA CYS A 596 20.26 -11.29 1.76
C CYS A 596 20.33 -9.77 1.77
N GLN A 597 20.90 -9.19 2.83
CA GLN A 597 21.02 -7.74 2.97
C GLN A 597 21.84 -7.20 1.79
N LEU A 598 22.99 -7.82 1.54
CA LEU A 598 23.93 -7.33 0.57
C LEU A 598 23.45 -7.51 -0.86
N LEU A 599 23.08 -8.75 -1.21
CA LEU A 599 22.56 -9.10 -2.54
C LEU A 599 21.24 -8.39 -2.87
N GLY A 600 20.41 -8.17 -1.84
CA GLY A 600 19.04 -7.58 -2.00
C GLY A 600 18.13 -8.44 -2.85
N PRO A 601 16.92 -7.95 -3.14
CA PRO A 601 15.98 -8.78 -3.95
C PRO A 601 16.49 -8.99 -5.37
N LEU A 602 15.89 -9.94 -6.08
CA LEU A 602 16.30 -10.27 -7.45
C LEU A 602 16.06 -9.14 -8.45
N HIS A 603 14.93 -8.46 -8.32
CA HIS A 603 14.54 -7.44 -9.27
C HIS A 603 14.51 -6.04 -8.67
N LYS A 604 15.66 -5.61 -8.12
CA LYS A 604 15.80 -4.38 -7.30
C LYS A 604 15.24 -3.17 -7.98
N HIS B 1 -18.09 12.77 23.79
CA HIS B 1 -18.95 12.21 24.89
C HIS B 1 -19.14 10.67 24.82
N HIS B 2 -19.25 10.03 25.99
CA HIS B 2 -19.31 8.54 26.10
C HIS B 2 -20.68 7.92 25.76
N HIS B 3 -20.66 6.74 25.12
CA HIS B 3 -21.86 5.92 24.83
C HIS B 3 -22.35 5.32 26.16
N HIS B 4 -23.66 5.12 26.32
CA HIS B 4 -24.21 4.52 27.57
C HIS B 4 -23.55 3.15 27.93
N SER B 5 -23.00 2.48 26.92
CA SER B 5 -22.43 1.13 27.04
C SER B 5 -20.90 1.02 26.80
N SER B 6 -20.40 1.61 25.69
CA SER B 6 -19.05 1.36 25.12
C SER B 6 -19.01 2.10 23.79
N GLY B 7 -18.00 2.90 23.43
CA GLY B 7 -17.14 3.68 24.27
C GLY B 7 -17.38 5.14 23.85
N LEU B 8 -17.02 5.52 22.63
CA LEU B 8 -17.20 6.93 22.19
C LEU B 8 -18.21 7.19 21.06
N VAL B 9 -18.95 8.29 21.20
CA VAL B 9 -19.82 8.85 20.13
C VAL B 9 -19.70 10.39 19.98
N PRO B 10 -20.03 10.94 18.78
CA PRO B 10 -19.63 12.32 18.45
C PRO B 10 -20.23 13.45 19.31
N ARG B 11 -19.34 14.14 20.05
CA ARG B 11 -19.69 15.21 21.02
C ARG B 11 -21.05 15.96 20.84
N GLY B 12 -21.29 16.68 19.73
CA GLY B 12 -20.37 16.83 18.61
C GLY B 12 -20.64 18.02 17.70
N SER B 13 -21.53 17.83 16.73
CA SER B 13 -21.59 18.64 15.50
C SER B 13 -20.92 17.81 14.40
N HIS B 14 -19.64 17.44 14.63
CA HIS B 14 -18.94 16.34 13.94
C HIS B 14 -18.08 15.60 14.98
N MET B 15 -17.52 14.44 14.62
CA MET B 15 -16.62 13.68 15.52
C MET B 15 -15.17 14.21 15.47
N ALA B 16 -14.44 13.86 14.40
CA ALA B 16 -13.12 14.41 14.15
C ALA B 16 -13.28 15.84 13.64
N SER B 17 -12.43 16.72 14.13
CA SER B 17 -12.49 18.13 13.76
C SER B 17 -11.08 18.72 13.62
N ILE B 18 -11.05 19.96 13.14
CA ILE B 18 -9.83 20.73 12.96
C ILE B 18 -9.15 20.95 14.32
N GLN B 19 -7.90 20.50 14.44
CA GLN B 19 -7.11 20.62 15.68
C GLN B 19 -6.66 22.07 15.86
N HIS B 20 -6.18 22.39 17.07
CA HIS B 20 -5.60 23.69 17.31
C HIS B 20 -4.13 23.60 17.74
N PRO B 21 -3.24 23.20 16.80
CA PRO B 21 -1.83 23.20 17.18
C PRO B 21 -1.37 24.61 17.58
N ARG B 22 -0.56 24.73 18.62
CA ARG B 22 -0.08 26.03 19.08
C ARG B 22 1.29 26.32 18.57
N ILE B 23 1.63 27.59 18.47
CA ILE B 23 3.02 27.92 18.29
C ILE B 23 3.55 28.31 19.63
N GLY B 24 4.64 27.64 20.02
CA GLY B 24 5.32 27.91 21.28
C GLY B 24 6.40 28.94 21.06
N ILE B 25 6.36 29.98 21.89
CA ILE B 25 7.21 31.17 21.76
C ILE B 25 8.09 31.25 22.98
N ARG B 26 9.40 31.25 22.74
CA ARG B 26 10.41 31.10 23.78
C ARG B 26 11.26 32.37 23.89
N PRO B 27 10.99 33.21 24.90
CA PRO B 27 11.86 34.37 25.01
C PRO B 27 13.11 33.98 25.77
N THR B 28 14.26 34.16 25.13
CA THR B 28 15.51 33.76 25.75
C THR B 28 16.27 35.01 26.08
N ILE B 29 17.05 34.93 27.16
CA ILE B 29 17.62 36.09 27.79
C ILE B 29 18.97 35.65 28.37
N ASP B 30 19.81 36.64 28.63
CA ASP B 30 21.11 36.48 29.28
C ASP B 30 20.88 36.14 30.75
N GLY B 31 21.61 35.14 31.24
CA GLY B 31 21.35 34.60 32.57
C GLY B 31 21.86 35.47 33.71
N ARG B 32 22.83 36.32 33.40
CA ARG B 32 23.47 37.26 34.35
C ARG B 32 22.54 38.23 35.04
N ARG B 33 22.68 38.36 36.35
CA ARG B 33 21.65 39.03 37.11
C ARG B 33 22.01 40.28 37.91
N GLN B 34 23.27 40.62 38.05
CA GLN B 34 23.52 41.72 38.99
C GLN B 34 23.24 43.02 38.21
N GLY B 35 22.11 43.03 37.48
CA GLY B 35 21.70 44.18 36.65
C GLY B 35 21.21 43.90 35.22
N VAL B 36 22.00 43.12 34.49
CA VAL B 36 21.80 42.88 33.05
C VAL B 36 20.47 42.20 32.72
N ARG B 37 20.22 41.01 33.28
CA ARG B 37 19.02 40.23 32.92
C ARG B 37 17.76 41.05 33.14
N GLU B 38 17.65 41.61 34.34
CA GLU B 38 16.53 42.44 34.77
C GLU B 38 16.29 43.57 33.79
N SER B 39 17.38 44.13 33.26
CA SER B 39 17.29 45.24 32.35
C SER B 39 16.73 44.82 31.01
N LEU B 40 16.81 43.53 30.69
CA LEU B 40 16.34 43.04 29.38
C LEU B 40 14.97 42.34 29.45
N GLU B 41 14.54 41.96 30.65
CA GLU B 41 13.29 41.22 30.84
C GLU B 41 12.14 41.78 30.02
N VAL B 42 11.90 43.08 30.17
CA VAL B 42 10.76 43.74 29.56
C VAL B 42 10.87 43.68 28.04
N GLN B 43 11.96 44.23 27.50
CA GLN B 43 12.15 44.22 26.06
C GLN B 43 12.06 42.81 25.49
N THR B 44 12.48 41.82 26.27
CA THR B 44 12.54 40.42 25.79
C THR B 44 11.13 39.85 25.73
N MET B 45 10.42 39.94 26.84
CA MET B 45 9.09 39.39 26.91
C MET B 45 8.13 40.14 25.93
N ASN B 46 8.47 41.38 25.58
CA ASN B 46 7.70 42.13 24.59
C ASN B 46 7.81 41.50 23.19
N MET B 47 9.04 41.21 22.77
CA MET B 47 9.29 40.47 21.54
C MET B 47 8.37 39.25 21.49
N ALA B 48 8.41 38.43 22.52
CA ALA B 48 7.57 37.25 22.58
C ALA B 48 6.11 37.64 22.40
N LYS B 49 5.64 38.56 23.25
CA LYS B 49 4.24 39.00 23.23
C LYS B 49 3.84 39.47 21.85
N SER B 50 4.69 40.29 21.22
CA SER B 50 4.30 40.90 19.95
C SER B 50 4.26 39.89 18.82
N VAL B 51 5.17 38.91 18.83
CA VAL B 51 5.11 37.78 17.88
C VAL B 51 3.81 36.97 18.06
N ALA B 52 3.43 36.67 19.29
CA ALA B 52 2.17 35.96 19.53
C ALA B 52 1.00 36.78 19.01
N ASP B 53 1.06 38.10 19.22
CA ASP B 53 0.03 38.98 18.67
C ASP B 53 0.01 38.94 17.15
N LEU B 54 1.19 38.98 16.54
CA LEU B 54 1.29 38.95 15.10
C LEU B 54 0.57 37.72 14.54
N ILE B 55 0.91 36.55 15.09
CA ILE B 55 0.36 35.28 14.63
C ILE B 55 -1.12 35.17 14.91
N SER B 56 -1.52 35.23 16.17
CA SER B 56 -2.95 35.17 16.57
C SER B 56 -3.88 36.23 15.91
N SER B 57 -3.35 37.41 15.64
CA SER B 57 -4.19 38.41 15.00
C SER B 57 -4.21 38.24 13.47
N THR B 58 -3.19 37.63 12.87
CA THR B 58 -3.15 37.44 11.41
C THR B 58 -3.65 36.07 10.92
N LEU B 59 -3.39 34.98 11.66
CA LEU B 59 -3.59 33.64 11.08
C LEU B 59 -4.73 32.88 11.71
N LYS B 60 -5.43 32.08 10.91
CA LYS B 60 -6.63 31.43 11.42
C LYS B 60 -6.52 29.96 11.16
N TYR B 61 -7.16 29.15 11.99
CA TYR B 61 -7.20 27.73 11.73
C TYR B 61 -8.21 27.45 10.62
N PRO B 62 -8.13 26.27 10.02
CA PRO B 62 -9.07 25.90 8.99
C PRO B 62 -10.52 26.10 9.37
N ASP B 63 -10.79 26.26 10.67
CA ASP B 63 -12.16 26.43 11.15
C ASP B 63 -12.53 27.89 11.43
N GLY B 64 -11.64 28.83 11.07
CA GLY B 64 -11.92 30.25 11.22
C GLY B 64 -11.44 30.89 12.51
N GLU B 65 -11.10 30.05 13.49
CA GLU B 65 -10.53 30.47 14.78
C GLU B 65 -9.13 31.06 14.69
N PRO B 66 -8.85 32.09 15.51
CA PRO B 66 -7.51 32.64 15.59
C PRO B 66 -6.54 31.57 16.06
N VAL B 67 -5.36 31.52 15.46
CA VAL B 67 -4.31 30.60 15.86
C VAL B 67 -3.93 30.91 17.32
N GLU B 68 -3.67 29.85 18.07
CA GLU B 68 -3.25 29.99 19.45
C GLU B 68 -1.72 29.89 19.62
N CYS B 69 -1.19 30.81 20.43
CA CYS B 69 0.21 30.85 20.83
C CYS B 69 0.42 30.61 22.34
N VAL B 70 1.50 29.92 22.68
CA VAL B 70 1.89 29.71 24.09
C VAL B 70 3.25 30.32 24.32
N ILE B 71 3.37 31.07 25.43
CA ILE B 71 4.65 31.63 25.86
C ILE B 71 5.28 30.82 26.99
N SER B 72 6.61 30.79 27.03
CA SER B 72 7.30 30.03 28.05
C SER B 72 6.90 30.60 29.39
N PRO B 73 6.86 29.74 30.41
CA PRO B 73 6.44 30.18 31.75
C PRO B 73 7.29 31.34 32.23
N SER B 74 8.48 31.47 31.67
CA SER B 74 9.37 32.55 32.03
C SER B 74 10.32 32.83 30.86
N THR B 75 11.03 33.95 30.96
CA THR B 75 12.13 34.23 30.09
C THR B 75 13.20 33.11 30.31
N ILE B 76 13.93 32.75 29.25
CA ILE B 76 14.80 31.57 29.35
C ILE B 76 16.26 31.96 29.38
N GLY B 77 16.87 31.73 30.55
CA GLY B 77 18.23 32.22 30.83
C GLY B 77 19.20 31.10 31.10
N ARG B 78 18.76 30.09 31.85
CA ARG B 78 19.55 28.87 32.04
C ARG B 78 18.69 27.65 31.73
N VAL B 79 19.34 26.50 31.59
CA VAL B 79 18.60 25.30 31.23
C VAL B 79 17.28 25.11 32.00
N PRO B 80 17.27 25.29 33.34
CA PRO B 80 16.05 24.82 34.03
C PRO B 80 14.81 25.60 33.59
N GLU B 81 15.02 26.81 33.08
CA GLU B 81 13.91 27.58 32.49
C GLU B 81 13.47 27.03 31.11
N ALA B 82 14.46 26.61 30.31
CA ALA B 82 14.23 25.83 29.10
C ALA B 82 13.43 24.53 29.41
N ALA B 83 13.73 23.91 30.56
CA ALA B 83 13.04 22.68 30.92
C ALA B 83 11.64 22.99 31.36
N ALA B 84 11.45 24.09 32.08
CA ALA B 84 10.10 24.49 32.47
C ALA B 84 9.30 24.76 31.18
N SER B 85 9.95 25.39 30.19
CA SER B 85 9.33 25.69 28.92
C SER B 85 8.91 24.43 28.16
N HIS B 86 9.85 23.49 28.02
CA HIS B 86 9.62 22.28 27.27
C HIS B 86 8.52 21.52 27.97
N GLU B 87 8.53 21.62 29.29
CA GLU B 87 7.56 20.97 30.15
C GLU B 87 6.15 21.48 29.86
N LEU B 88 6.03 22.79 29.58
CA LEU B 88 4.75 23.43 29.30
C LEU B 88 4.27 23.08 27.90
N PHE B 89 5.18 23.13 26.92
CA PHE B 89 4.82 22.96 25.53
C PHE B 89 4.32 21.55 25.30
N LYS B 90 5.01 20.59 25.90
CA LYS B 90 4.67 19.15 25.85
C LYS B 90 3.18 18.90 26.18
N LYS B 91 2.59 19.74 27.02
CA LYS B 91 1.19 19.59 27.37
C LYS B 91 0.27 20.68 26.77
N SER B 92 0.84 21.53 25.91
CA SER B 92 0.09 22.65 25.31
C SER B 92 -0.15 22.48 23.80
N ASN B 93 0.14 21.29 23.31
CA ASN B 93 -0.08 20.95 21.92
C ASN B 93 0.71 21.88 20.95
N VAL B 94 2.01 22.02 21.24
CA VAL B 94 2.84 22.90 20.47
C VAL B 94 3.40 22.19 19.26
N CYS B 95 3.15 22.75 18.08
CA CYS B 95 3.59 22.15 16.85
C CYS B 95 4.92 22.77 16.35
N ALA B 96 5.31 23.89 16.94
CA ALA B 96 6.54 24.55 16.52
C ALA B 96 6.95 25.64 17.50
N THR B 97 8.21 26.05 17.41
CA THR B 97 8.84 26.94 18.37
C THR B 97 9.34 28.18 17.68
N ILE B 98 9.21 29.31 18.37
CA ILE B 98 9.87 30.54 17.95
C ILE B 98 10.63 31.10 19.12
N THR B 99 11.95 31.20 18.98
CA THR B 99 12.73 31.81 20.03
C THR B 99 12.91 33.25 19.66
N VAL B 100 12.69 34.13 20.60
CA VAL B 100 12.96 35.56 20.39
C VAL B 100 13.93 36.07 21.46
N THR B 101 14.80 36.98 21.05
CA THR B 101 15.71 37.58 21.99
C THR B 101 16.31 38.85 21.43
N PRO B 102 16.61 39.80 22.30
CA PRO B 102 17.33 40.98 21.87
C PRO B 102 18.80 40.92 22.27
N CYS B 103 19.18 39.89 23.03
CA CYS B 103 20.46 39.90 23.70
C CYS B 103 21.24 38.62 23.50
N TRP B 104 22.43 38.54 24.09
CA TRP B 104 23.18 37.32 24.13
C TRP B 104 22.53 36.31 25.07
N CYS B 105 22.41 35.05 24.63
CA CYS B 105 21.96 33.93 25.49
C CYS B 105 22.85 32.71 25.31
N TYR B 106 22.79 31.80 26.28
CA TYR B 106 23.77 30.74 26.34
C TYR B 106 23.33 29.50 25.53
N GLY B 107 23.40 29.66 24.21
CA GLY B 107 23.20 28.60 23.22
C GLY B 107 22.58 27.30 23.65
N SER B 108 23.42 26.28 23.78
CA SER B 108 22.94 24.93 24.06
C SER B 108 22.18 24.79 25.40
N GLU B 109 22.40 25.75 26.31
CA GLU B 109 21.68 25.80 27.58
C GLU B 109 20.24 26.24 27.36
N THR B 110 20.02 27.07 26.35
CA THR B 110 18.75 27.74 26.22
C THR B 110 17.93 27.17 25.10
N MET B 111 18.54 26.33 24.25
CA MET B 111 17.89 25.88 23.01
C MET B 111 16.80 24.83 23.24
N ASP B 112 15.88 24.75 22.30
CA ASP B 112 14.84 23.73 22.33
C ASP B 112 15.33 22.48 21.64
N MET B 113 15.09 21.32 22.23
CA MET B 113 15.70 20.09 21.73
C MET B 113 14.71 19.20 20.97
N SER B 114 13.44 19.63 20.89
CA SER B 114 12.43 18.81 20.24
C SER B 114 12.89 18.47 18.83
N PRO B 115 13.01 17.18 18.52
CA PRO B 115 13.49 16.90 17.17
C PRO B 115 12.34 16.79 16.19
N ASP B 116 11.10 16.71 16.66
CA ASP B 116 10.00 16.31 15.81
C ASP B 116 9.14 17.50 15.31
N ILE B 117 9.56 18.73 15.61
CA ILE B 117 8.82 19.97 15.27
C ILE B 117 9.78 21.08 14.77
N PRO B 118 9.27 22.03 13.96
CA PRO B 118 10.11 23.13 13.49
C PRO B 118 10.45 24.06 14.64
N HIS B 119 11.55 24.78 14.46
CA HIS B 119 11.99 25.85 15.35
C HIS B 119 12.41 27.01 14.48
N ALA B 120 11.94 28.21 14.84
CA ALA B 120 12.50 29.45 14.29
C ALA B 120 13.15 30.21 15.43
N ILE B 121 14.19 30.97 15.12
CA ILE B 121 14.80 31.89 16.09
C ILE B 121 14.88 33.27 15.46
N TRP B 122 14.34 34.26 16.18
CA TRP B 122 14.43 35.64 15.76
C TRP B 122 15.32 36.43 16.69
N GLY B 123 16.43 36.93 16.15
CA GLY B 123 17.32 37.80 16.90
C GLY B 123 17.14 39.25 16.48
N PHE B 124 16.71 40.08 17.44
CA PHE B 124 16.58 41.50 17.25
C PHE B 124 17.86 42.09 16.69
N ASN B 125 17.79 42.71 15.50
CA ASN B 125 18.94 43.38 14.95
C ASN B 125 19.09 44.74 15.66
N GLY B 126 19.61 44.70 16.89
CA GLY B 126 19.96 45.91 17.63
C GLY B 126 21.46 45.94 17.86
N THR B 127 21.99 47.09 18.22
CA THR B 127 23.43 47.20 18.50
C THR B 127 23.73 46.99 19.97
N GLU B 128 22.80 47.35 20.85
CA GLU B 128 23.12 47.41 22.27
C GLU B 128 23.48 46.05 22.80
N ARG B 129 22.70 45.05 22.41
CA ARG B 129 23.02 43.68 22.82
C ARG B 129 23.28 42.71 21.65
N PRO B 130 24.08 41.68 21.87
CA PRO B 130 24.38 40.72 20.81
C PRO B 130 23.21 39.79 20.35
N GLY B 131 22.04 40.33 19.99
CA GLY B 131 20.87 39.51 19.60
C GLY B 131 21.11 38.52 18.46
N ALA B 132 21.60 39.05 17.33
CA ALA B 132 22.04 38.30 16.14
C ALA B 132 23.13 37.35 16.48
N VAL B 133 23.96 37.77 17.44
CA VAL B 133 25.03 36.93 17.87
C VAL B 133 24.45 35.65 18.48
N TYR B 134 23.44 35.75 19.33
CA TYR B 134 22.77 34.56 19.84
C TYR B 134 22.20 33.77 18.68
N LEU B 135 21.44 34.48 17.85
CA LEU B 135 20.88 33.90 16.64
C LEU B 135 21.89 33.03 15.91
N ALA B 136 23.03 33.57 15.49
CA ALA B 136 23.98 32.74 14.77
C ALA B 136 24.49 31.59 15.62
N ALA B 137 24.81 31.88 16.88
CA ALA B 137 25.37 30.89 17.79
C ALA B 137 24.41 29.73 17.92
N VAL B 138 23.18 30.01 18.35
CA VAL B 138 22.25 28.94 18.65
C VAL B 138 21.93 28.17 17.37
N LEU B 139 21.90 28.87 16.22
CA LEU B 139 21.67 28.19 14.94
C LEU B 139 22.82 27.22 14.64
N ALA B 140 24.03 27.64 14.95
CA ALA B 140 25.18 26.74 14.83
C ALA B 140 25.01 25.46 15.67
N SER B 141 24.55 25.60 16.91
CA SER B 141 24.26 24.44 17.73
C SER B 141 23.17 23.59 17.12
N HIS B 142 22.11 24.19 16.60
CA HIS B 142 21.10 23.40 15.87
C HIS B 142 21.69 22.55 14.74
N ALA B 143 22.62 23.14 13.96
CA ALA B 143 23.22 22.45 12.85
C ALA B 143 24.22 21.42 13.32
N GLN B 144 24.86 21.69 14.45
CA GLN B 144 25.82 20.74 14.98
C GLN B 144 25.08 19.54 15.57
N LYS B 145 23.95 19.82 16.20
CA LYS B 145 23.17 18.77 16.84
C LYS B 145 22.10 18.17 15.93
N GLY B 146 22.08 18.63 14.70
CA GLY B 146 21.12 18.15 13.68
C GLY B 146 19.64 18.30 14.03
N ILE B 147 19.29 19.43 14.65
CA ILE B 147 17.89 19.77 14.92
C ILE B 147 17.55 21.02 14.13
N PRO B 148 16.94 20.86 12.94
CA PRO B 148 16.77 22.02 12.05
C PRO B 148 16.11 23.21 12.72
N ALA B 149 16.60 24.41 12.44
CA ALA B 149 15.97 25.62 12.92
C ALA B 149 16.05 26.66 11.83
N PHE B 150 15.00 27.48 11.76
CA PHE B 150 14.96 28.68 10.95
C PHE B 150 15.59 29.90 11.63
N GLY B 151 16.29 30.70 10.81
CA GLY B 151 16.94 31.94 11.26
C GLY B 151 16.21 33.17 10.72
N ILE B 152 15.62 33.94 11.61
CA ILE B 152 14.98 35.16 11.21
C ILE B 152 15.82 36.35 11.70
N TYR B 153 16.38 37.08 10.73
CA TYR B 153 17.25 38.22 11.01
C TYR B 153 16.89 39.40 10.14
N GLY B 154 16.46 40.50 10.77
CA GLY B 154 16.02 41.68 10.06
C GLY B 154 17.14 42.46 9.39
N ARG B 155 16.84 42.97 8.20
CA ARG B 155 17.79 43.65 7.34
C ARG B 155 18.39 44.92 8.01
N ASP B 156 17.56 45.69 8.71
CA ASP B 156 17.95 47.03 9.17
C ASP B 156 18.06 47.17 10.68
N VAL B 157 19.23 47.56 11.17
CA VAL B 157 19.37 47.88 12.60
C VAL B 157 18.21 48.68 13.22
N GLN B 158 17.65 48.15 14.30
CA GLN B 158 16.56 48.79 15.00
C GLN B 158 17.02 49.38 16.32
N GLU B 159 16.36 50.43 16.76
CA GLU B 159 16.57 50.98 18.12
C GLU B 159 15.98 50.04 19.16
N ALA B 160 16.75 49.72 20.21
CA ALA B 160 16.19 49.12 21.44
C ALA B 160 15.00 49.95 21.77
N SER B 161 13.91 49.35 22.22
CA SER B 161 12.68 50.15 22.47
C SER B 161 11.84 50.46 21.22
N ASP B 162 12.30 50.11 20.03
CA ASP B 162 11.34 49.95 18.93
C ASP B 162 10.69 48.59 19.18
N THR B 163 9.37 48.56 19.14
CA THR B 163 8.69 47.31 19.43
C THR B 163 7.93 46.80 18.20
N ASP B 164 8.00 47.57 17.13
CA ASP B 164 7.45 47.14 15.85
C ASP B 164 8.28 45.99 15.31
N ILE B 165 7.63 44.96 14.82
CA ILE B 165 8.32 43.94 14.06
C ILE B 165 8.49 44.50 12.66
N PRO B 166 9.73 44.49 12.14
CA PRO B 166 9.95 45.03 10.80
C PRO B 166 9.27 44.14 9.76
N GLU B 167 8.93 44.73 8.62
CA GLU B 167 8.15 44.01 7.61
C GLU B 167 8.85 42.74 7.14
N ASP B 168 10.17 42.78 6.97
CA ASP B 168 10.91 41.62 6.43
C ASP B 168 10.97 40.43 7.42
N VAL B 169 11.01 40.75 8.70
CA VAL B 169 10.90 39.79 9.79
C VAL B 169 9.50 39.19 9.85
N LYS B 170 8.50 40.09 9.74
CA LYS B 170 7.11 39.68 9.74
C LYS B 170 6.91 38.63 8.67
N GLU B 171 7.48 38.88 7.50
CA GLU B 171 7.27 38.02 6.35
C GLU B 171 7.73 36.60 6.72
N LYS B 172 8.96 36.52 7.24
CA LYS B 172 9.56 35.26 7.64
C LYS B 172 8.79 34.60 8.79
N LEU B 173 8.46 35.34 9.84
CA LEU B 173 7.71 34.76 10.96
C LEU B 173 6.40 34.13 10.49
N LEU B 174 5.71 34.80 9.58
CA LEU B 174 4.41 34.32 9.16
C LEU B 174 4.53 33.16 8.14
N ARG B 175 5.51 33.24 7.24
CA ARG B 175 5.79 32.11 6.37
C ARG B 175 6.09 30.88 7.21
N TYR B 176 6.93 31.05 8.24
CA TYR B 176 7.25 29.97 9.16
C TYR B 176 6.00 29.45 9.86
N ALA B 177 5.23 30.37 10.42
CA ALA B 177 4.07 30.01 11.20
C ALA B 177 3.08 29.24 10.33
N ARG B 178 2.78 29.80 9.14
CA ARG B 178 1.88 29.18 8.20
C ARG B 178 2.31 27.75 7.90
N ALA B 179 3.58 27.56 7.57
CA ALA B 179 4.10 26.23 7.22
C ALA B 179 4.10 25.33 8.43
N ALA B 180 4.56 25.86 9.55
CA ALA B 180 4.61 25.09 10.78
C ALA B 180 3.22 24.57 11.13
N LEU B 181 2.25 25.47 11.12
CA LEU B 181 0.88 25.10 11.36
C LEU B 181 0.39 23.95 10.40
N ALA B 182 0.74 24.01 9.12
CA ALA B 182 0.27 22.95 8.24
C ALA B 182 0.80 21.59 8.73
N THR B 183 2.04 21.56 9.20
CA THR B 183 2.60 20.35 9.75
C THR B 183 1.78 19.93 10.97
N GLY B 184 1.58 20.87 11.88
CA GLY B 184 0.86 20.55 13.08
C GLY B 184 -0.56 20.11 12.83
N LEU B 185 -1.18 20.62 11.76
CA LEU B 185 -2.56 20.26 11.46
C LEU B 185 -2.68 18.86 10.86
N MET B 186 -1.67 18.41 10.11
CA MET B 186 -1.77 17.12 9.44
C MET B 186 -1.52 16.01 10.43
N ARG B 187 -0.67 16.30 11.39
CA ARG B 187 -0.16 15.31 12.29
C ARG B 187 -1.27 14.64 13.08
N ASP B 188 -1.19 13.31 13.07
CA ASP B 188 -2.08 12.43 13.86
C ASP B 188 -3.42 12.28 13.23
N THR B 189 -3.67 13.02 12.14
CA THR B 189 -4.90 12.79 11.37
C THR B 189 -4.72 11.59 10.42
N ALA B 190 -5.78 11.25 9.69
CA ALA B 190 -5.76 10.13 8.74
C ALA B 190 -6.15 10.49 7.32
N TYR B 191 -5.70 9.65 6.39
CA TYR B 191 -6.17 9.64 5.03
C TYR B 191 -7.07 8.44 4.88
N LEU B 192 -8.27 8.66 4.37
CA LEU B 192 -9.16 7.52 4.13
C LEU B 192 -9.29 7.18 2.66
N SER B 193 -8.80 5.99 2.30
CA SER B 193 -9.05 5.44 0.97
C SER B 193 -10.44 4.87 0.99
N MET B 194 -11.27 5.29 0.04
CA MET B 194 -12.51 4.63 -0.29
C MET B 194 -12.26 3.87 -1.59
N GLY B 195 -12.29 2.55 -1.53
CA GLY B 195 -11.76 1.74 -2.63
C GLY B 195 -10.27 1.72 -2.38
N SER B 196 -9.50 1.39 -3.39
CA SER B 196 -8.05 1.57 -3.30
C SER B 196 -7.46 2.08 -4.62
N VAL B 197 -7.07 1.16 -5.50
CA VAL B 197 -6.34 1.56 -6.69
C VAL B 197 -7.31 1.81 -7.85
N SER B 198 -7.11 2.91 -8.57
CA SER B 198 -8.00 3.29 -9.66
C SER B 198 -7.21 3.25 -10.92
N MET B 199 -7.72 2.50 -11.89
CA MET B 199 -7.08 2.36 -13.21
C MET B 199 -5.56 2.39 -13.19
N GLY B 200 -4.96 1.68 -12.23
CA GLY B 200 -3.51 1.53 -12.16
C GLY B 200 -2.72 2.81 -11.98
N ILE B 201 -3.36 3.85 -11.42
CA ILE B 201 -2.77 5.19 -11.19
C ILE B 201 -1.83 5.16 -9.98
N GLY B 202 -0.60 5.61 -10.20
CA GLY B 202 0.44 5.60 -9.16
C GLY B 202 0.04 6.06 -7.75
N GLY B 203 -0.41 7.31 -7.65
CA GLY B 203 -0.77 7.91 -6.38
C GLY B 203 -1.98 7.24 -5.73
N SER B 204 -2.68 6.39 -6.49
CA SER B 204 -3.83 5.65 -5.96
C SER B 204 -3.36 4.30 -5.36
N ILE B 205 -2.12 3.92 -5.63
CA ILE B 205 -1.50 2.86 -4.88
C ILE B 205 -0.92 3.51 -3.60
N VAL B 206 -1.74 3.57 -2.55
CA VAL B 206 -1.50 4.35 -1.35
C VAL B 206 -0.31 3.80 -0.54
N ASN B 207 0.53 4.69 -0.08
CA ASN B 207 1.77 4.28 0.51
C ASN B 207 1.84 4.77 1.94
N PRO B 208 1.52 3.87 2.90
CA PRO B 208 1.40 4.23 4.31
C PRO B 208 2.68 4.76 4.87
N ASP B 209 3.82 4.23 4.41
CA ASP B 209 5.12 4.71 4.88
C ASP B 209 5.28 6.20 4.68
N PHE B 210 4.87 6.70 3.52
CA PHE B 210 4.89 8.12 3.28
C PHE B 210 4.05 8.84 4.32
N PHE B 211 2.78 8.46 4.45
CA PHE B 211 1.94 9.15 5.42
C PHE B 211 2.47 9.10 6.85
N GLN B 212 2.91 7.92 7.26
CA GLN B 212 3.43 7.74 8.58
C GLN B 212 4.75 8.50 8.77
N GLU B 213 5.77 8.21 7.95
CA GLU B 213 7.11 8.79 8.15
C GLU B 213 7.13 10.30 7.97
N TYR B 214 6.45 10.77 6.92
CA TYR B 214 6.54 12.17 6.52
C TYR B 214 5.56 13.13 7.20
N LEU B 215 4.32 12.68 7.31
CA LEU B 215 3.22 13.56 7.69
C LEU B 215 2.71 13.27 9.06
N GLY B 216 3.18 12.17 9.66
CA GLY B 216 2.71 11.77 10.98
C GLY B 216 1.25 11.36 10.95
N MET B 217 0.87 10.71 9.86
CA MET B 217 -0.52 10.49 9.52
C MET B 217 -0.85 9.00 9.45
N ARG B 218 -2.11 8.68 9.75
CA ARG B 218 -2.61 7.31 9.70
C ARG B 218 -3.30 7.04 8.36
N ASN B 219 -3.43 5.76 8.01
CA ASN B 219 -4.18 5.37 6.81
C ASN B 219 -5.37 4.51 7.15
N GLU B 220 -6.55 5.04 6.85
CA GLU B 220 -7.82 4.31 7.01
C GLU B 220 -8.31 3.85 5.64
N SER B 221 -9.07 2.77 5.61
CA SER B 221 -9.69 2.39 4.34
C SER B 221 -10.97 1.58 4.45
N VAL B 222 -11.90 1.91 3.57
CA VAL B 222 -13.07 1.12 3.41
C VAL B 222 -13.17 0.80 1.95
N ASP B 223 -13.75 -0.37 1.67
CA ASP B 223 -14.08 -0.82 0.32
C ASP B 223 -15.36 -0.05 -0.03
N MET B 224 -15.58 0.21 -1.31
CA MET B 224 -16.70 1.04 -1.69
C MET B 224 -18.04 0.35 -1.42
N THR B 225 -18.02 -0.95 -1.15
CA THR B 225 -19.23 -1.67 -0.72
C THR B 225 -19.91 -0.98 0.46
N GLU B 226 -19.11 -0.36 1.33
CA GLU B 226 -19.62 0.44 2.43
C GLU B 226 -20.67 1.51 2.05
N PHE B 227 -20.63 1.99 0.82
CA PHE B 227 -21.58 3.00 0.37
C PHE B 227 -22.91 2.27 0.13
N THR B 228 -22.83 1.19 -0.63
CA THR B 228 -23.95 0.34 -0.92
C THR B 228 -24.60 -0.20 0.34
N ARG B 229 -23.80 -0.59 1.32
CA ARG B 229 -24.30 -1.08 2.59
C ARG B 229 -25.07 0.04 3.25
N ARG B 230 -24.50 1.24 3.26
CA ARG B 230 -25.17 2.33 3.95
C ARG B 230 -26.46 2.76 3.24
N MET B 231 -26.42 2.81 1.91
CA MET B 231 -27.58 3.14 1.09
C MET B 231 -28.70 2.13 1.31
N ASP B 232 -28.38 0.83 1.24
CA ASP B 232 -29.37 -0.23 1.44
C ASP B 232 -29.90 -0.31 2.88
N ARG B 233 -29.09 0.06 3.87
CA ARG B 233 -29.49 -0.11 5.28
C ARG B 233 -29.92 1.16 5.95
N GLY B 234 -30.05 2.23 5.17
CA GLY B 234 -30.44 3.54 5.68
C GLY B 234 -29.46 4.14 6.67
N ILE B 235 -28.16 3.83 6.53
CA ILE B 235 -27.18 4.42 7.44
C ILE B 235 -26.75 5.78 6.88
N TYR B 236 -27.65 6.74 7.03
CA TYR B 236 -27.43 8.13 6.66
C TYR B 236 -28.65 8.86 7.17
N ASP B 237 -28.53 10.17 7.36
CA ASP B 237 -29.60 10.96 7.99
C ASP B 237 -30.73 11.23 6.99
N PRO B 238 -31.93 10.64 7.22
CA PRO B 238 -32.96 10.74 6.15
C PRO B 238 -33.64 12.12 6.17
N GLU B 239 -33.70 12.72 7.35
CA GLU B 239 -34.19 14.08 7.48
C GLU B 239 -33.25 14.97 6.71
N GLU B 240 -31.95 14.76 6.87
CA GLU B 240 -30.98 15.52 6.07
C GLU B 240 -31.23 15.32 4.59
N PHE B 241 -31.38 14.07 4.19
CA PHE B 241 -31.53 13.76 2.81
C PHE B 241 -32.65 14.54 2.14
N GLU B 242 -33.81 14.61 2.80
CA GLU B 242 -34.96 15.33 2.28
C GLU B 242 -34.69 16.81 2.08
N ARG B 243 -34.01 17.45 3.03
CA ARG B 243 -33.59 18.85 2.84
C ARG B 243 -32.65 19.03 1.64
N ALA B 244 -31.64 18.14 1.55
CA ALA B 244 -30.64 18.13 0.48
C ALA B 244 -31.27 17.96 -0.88
N LEU B 245 -32.18 17.01 -1.00
CA LEU B 245 -32.88 16.77 -2.25
C LEU B 245 -33.60 18.02 -2.69
N LYS B 246 -34.17 18.74 -1.74
CA LYS B 246 -34.99 19.90 -2.06
C LYS B 246 -34.04 21.02 -2.48
N TRP B 247 -32.95 21.18 -1.74
CA TRP B 247 -31.96 22.22 -2.03
C TRP B 247 -31.31 21.94 -3.40
N VAL B 248 -30.99 20.69 -3.67
CA VAL B 248 -30.37 20.33 -4.94
C VAL B 248 -31.28 20.65 -6.12
N LYS B 249 -32.56 20.26 -5.99
CA LYS B 249 -33.61 20.56 -6.98
C LYS B 249 -33.65 22.04 -7.26
N GLU B 250 -33.41 22.84 -6.22
CA GLU B 250 -33.49 24.29 -6.30
C GLU B 250 -32.22 25.00 -6.78
N ASN B 251 -31.04 24.44 -6.48
CA ASN B 251 -29.78 25.16 -6.70
C ASN B 251 -28.83 24.54 -7.73
N VAL B 252 -29.07 23.27 -8.06
CA VAL B 252 -28.20 22.51 -8.97
C VAL B 252 -28.87 22.36 -10.34
N LYS B 253 -28.41 23.16 -11.32
CA LYS B 253 -28.91 23.03 -12.70
C LYS B 253 -28.24 21.82 -13.39
N GLU B 254 -29.05 20.82 -13.74
CA GLU B 254 -28.62 19.68 -14.55
C GLU B 254 -28.18 20.16 -15.94
N GLY B 255 -27.14 19.57 -16.51
CA GLY B 255 -26.55 20.14 -17.72
C GLY B 255 -26.99 19.42 -18.96
N PHE B 256 -26.50 19.88 -20.11
CA PHE B 256 -26.84 19.30 -21.38
C PHE B 256 -26.28 17.89 -21.43
N ASP B 257 -27.13 16.95 -21.84
CA ASP B 257 -26.75 15.54 -22.02
C ASP B 257 -26.04 15.23 -23.33
N HIS B 258 -24.75 14.95 -23.25
CA HIS B 258 -23.95 14.67 -24.45
C HIS B 258 -23.91 13.22 -24.84
N ASN B 259 -24.68 12.37 -24.19
CA ASN B 259 -24.47 10.93 -24.40
C ASN B 259 -24.81 10.47 -25.76
N ARG B 260 -24.06 9.47 -26.23
CA ARG B 260 -24.47 8.67 -27.38
C ARG B 260 -25.96 8.34 -27.24
N GLU B 261 -26.69 8.42 -28.34
CA GLU B 261 -28.16 8.38 -28.31
C GLU B 261 -28.77 7.22 -27.49
N ASP B 262 -28.36 6.00 -27.80
CA ASP B 262 -28.82 4.80 -27.11
C ASP B 262 -28.30 4.64 -25.65
N LEU B 263 -27.53 5.60 -25.17
CA LEU B 263 -27.01 5.54 -23.80
C LEU B 263 -27.64 6.58 -22.89
N VAL B 264 -28.41 7.48 -23.51
CA VAL B 264 -29.12 8.51 -22.79
C VAL B 264 -30.13 7.93 -21.82
N LEU B 265 -30.06 8.30 -20.55
CA LEU B 265 -31.00 7.81 -19.56
C LEU B 265 -32.31 8.59 -19.57
N SER B 266 -33.38 7.89 -19.20
CA SER B 266 -34.69 8.48 -19.01
C SER B 266 -34.66 9.51 -17.86
N ARG B 267 -35.63 10.41 -17.89
CA ARG B 267 -35.82 11.38 -16.81
C ARG B 267 -36.00 10.66 -15.45
N GLU B 268 -36.72 9.53 -15.46
CA GLU B 268 -36.95 8.75 -14.23
C GLU B 268 -35.61 8.26 -13.69
N GLU B 269 -34.80 7.60 -14.52
CA GLU B 269 -33.48 7.17 -14.04
C GLU B 269 -32.62 8.33 -13.57
N LYS B 270 -32.59 9.42 -14.33
CA LYS B 270 -31.74 10.54 -13.94
C LYS B 270 -32.10 11.02 -12.55
N ASP B 271 -33.40 11.07 -12.27
CA ASP B 271 -33.87 11.54 -10.98
C ASP B 271 -33.48 10.61 -9.83
N ARG B 272 -33.49 9.32 -10.11
CA ARG B 272 -33.04 8.34 -9.13
C ARG B 272 -31.55 8.51 -8.90
N GLN B 273 -30.82 8.72 -9.99
CA GLN B 273 -29.37 8.89 -9.90
C GLN B 273 -29.04 10.16 -9.12
N TRP B 274 -29.89 11.17 -9.25
CA TRP B 274 -29.77 12.36 -8.42
C TRP B 274 -29.85 12.05 -6.91
N GLU B 275 -30.80 11.23 -6.52
CA GLU B 275 -30.93 10.92 -5.11
C GLU B 275 -29.69 10.19 -4.68
N PHE B 276 -29.28 9.25 -5.50
CA PHE B 276 -28.15 8.39 -5.24
C PHE B 276 -26.92 9.26 -4.97
N VAL B 277 -26.56 10.14 -5.90
CA VAL B 277 -25.32 10.91 -5.72
C VAL B 277 -25.33 11.82 -4.48
N ILE B 278 -26.48 12.39 -4.13
CA ILE B 278 -26.63 13.13 -2.86
C ILE B 278 -26.32 12.25 -1.62
N LYS B 279 -26.76 11.01 -1.66
CA LYS B 279 -26.51 10.09 -0.55
C LYS B 279 -25.04 9.69 -0.54
N MET B 280 -24.44 9.56 -1.72
CA MET B 280 -23.02 9.32 -1.83
C MET B 280 -22.34 10.45 -1.11
N PHE B 281 -22.74 11.69 -1.40
CA PHE B 281 -22.11 12.81 -0.72
C PHE B 281 -22.15 12.62 0.77
N MET B 282 -23.37 12.50 1.31
CA MET B 282 -23.62 12.38 2.75
C MET B 282 -22.78 11.28 3.35
N ILE B 283 -22.69 10.15 2.65
CA ILE B 283 -21.97 9.00 3.13
C ILE B 283 -20.46 9.22 3.14
N GLY B 284 -19.91 9.76 2.06
CA GLY B 284 -18.50 10.06 2.01
C GLY B 284 -18.14 11.08 3.07
N ARG B 285 -18.96 12.11 3.20
CA ARG B 285 -18.76 13.12 4.24
C ARG B 285 -18.77 12.44 5.62
N ASP B 286 -19.78 11.59 5.86
CA ASP B 286 -19.94 10.89 7.15
C ASP B 286 -18.74 9.98 7.43
N LEU B 287 -18.27 9.30 6.38
CA LEU B 287 -17.14 8.42 6.53
C LEU B 287 -15.92 9.18 7.03
N MET B 288 -15.65 10.33 6.42
CA MET B 288 -14.49 11.10 6.79
C MET B 288 -14.50 11.61 8.22
N VAL B 289 -15.57 12.29 8.60
CA VAL B 289 -15.51 13.08 9.82
C VAL B 289 -16.48 12.58 10.89
N GLY B 290 -17.31 11.58 10.54
CA GLY B 290 -18.35 11.03 11.43
C GLY B 290 -19.59 11.91 11.48
N ASN B 291 -20.62 11.43 12.15
CA ASN B 291 -21.91 12.15 12.27
C ASN B 291 -22.73 11.75 13.54
N PRO B 292 -22.95 12.70 14.46
CA PRO B 292 -23.73 12.43 15.68
C PRO B 292 -25.10 11.87 15.37
N ARG B 293 -25.71 12.35 14.28
CA ARG B 293 -27.02 11.88 13.82
C ARG B 293 -27.02 10.39 13.54
N LEU B 294 -25.89 9.86 13.10
CA LEU B 294 -25.80 8.43 12.89
C LEU B 294 -25.95 7.64 14.19
N ALA B 295 -25.37 8.18 15.25
CA ALA B 295 -25.48 7.58 16.56
C ALA B 295 -26.96 7.57 16.93
N GLU B 296 -27.61 8.74 16.84
CA GLU B 296 -29.05 8.86 17.14
C GLU B 296 -29.91 7.87 16.39
N LEU B 297 -29.59 7.59 15.14
CA LEU B 297 -30.40 6.68 14.35
C LEU B 297 -30.03 5.25 14.66
N GLY B 298 -29.04 5.06 15.52
CA GLY B 298 -28.72 3.73 16.03
C GLY B 298 -27.51 3.11 15.39
N PHE B 299 -26.68 3.92 14.75
CA PHE B 299 -25.52 3.38 14.08
C PHE B 299 -24.26 3.88 14.75
N GLU B 300 -24.04 3.43 15.98
CA GLU B 300 -23.06 4.06 16.81
C GLU B 300 -21.67 3.83 16.28
N GLU B 301 -21.37 2.64 15.77
CA GLU B 301 -20.04 2.35 15.22
C GLU B 301 -19.70 3.33 14.09
N GLU B 302 -20.62 3.41 13.13
CA GLU B 302 -20.55 4.31 11.98
C GLU B 302 -20.42 5.77 12.37
N ALA B 303 -21.13 6.19 13.41
CA ALA B 303 -21.25 7.59 13.79
C ALA B 303 -19.91 8.24 13.98
N VAL B 304 -18.91 7.43 14.17
CA VAL B 304 -17.64 7.90 14.61
C VAL B 304 -16.67 8.33 13.47
N GLY B 305 -16.84 7.76 12.28
CA GLY B 305 -16.04 8.14 11.11
C GLY B 305 -14.60 7.63 11.11
N HIS B 306 -13.79 8.15 10.18
CA HIS B 306 -12.41 7.70 10.03
C HIS B 306 -11.31 8.72 10.32
N HIS B 307 -11.63 9.80 11.06
CA HIS B 307 -10.62 10.77 11.52
C HIS B 307 -9.85 11.29 10.30
N ALA B 308 -10.60 11.57 9.23
CA ALA B 308 -10.00 11.81 7.93
C ALA B 308 -9.86 13.32 7.65
N LEU B 309 -8.62 13.82 7.60
CA LEU B 309 -8.43 15.21 7.24
C LEU B 309 -8.44 15.39 5.69
N VAL B 310 -8.30 14.27 4.99
CA VAL B 310 -8.22 14.24 3.53
C VAL B 310 -8.63 12.82 3.15
N ALA B 311 -9.31 12.64 2.02
CA ALA B 311 -9.75 11.30 1.58
C ALA B 311 -9.91 11.16 0.06
N GLY B 312 -10.29 9.97 -0.39
CA GLY B 312 -10.30 9.68 -1.80
C GLY B 312 -11.33 8.61 -2.14
N PHE B 313 -11.94 8.77 -3.30
CA PHE B 313 -12.89 7.81 -3.78
C PHE B 313 -12.31 7.23 -5.05
N GLN B 314 -12.02 5.94 -5.01
CA GLN B 314 -11.47 5.24 -6.16
C GLN B 314 -12.33 5.32 -7.43
N GLY B 315 -13.64 5.09 -7.29
CA GLY B 315 -14.60 5.20 -8.41
C GLY B 315 -14.36 4.16 -9.49
N GLN B 316 -13.70 4.61 -10.56
CA GLN B 316 -13.21 3.73 -11.62
C GLN B 316 -12.27 2.69 -11.06
N ARG B 317 -12.31 1.48 -11.59
CA ARG B 317 -13.31 1.09 -12.58
C ARG B 317 -14.59 0.44 -12.05
N GLN B 318 -14.47 -0.38 -11.00
CA GLN B 318 -15.57 -1.28 -10.70
C GLN B 318 -16.82 -0.65 -10.05
N TRP B 319 -16.68 0.47 -9.33
CA TRP B 319 -17.86 1.23 -8.90
C TRP B 319 -18.54 1.95 -10.06
N THR B 320 -17.78 2.74 -10.80
CA THR B 320 -18.40 3.66 -11.73
C THR B 320 -18.94 2.87 -12.91
N ASP B 321 -18.51 1.63 -13.02
CA ASP B 321 -19.04 0.76 -14.06
C ASP B 321 -20.46 0.34 -13.79
N HIS B 322 -20.92 0.55 -12.56
CA HIS B 322 -22.16 -0.03 -12.12
C HIS B 322 -23.14 0.97 -11.54
N PHE B 323 -22.63 1.89 -10.70
CA PHE B 323 -23.43 2.86 -9.97
C PHE B 323 -23.03 4.23 -10.45
N PRO B 324 -23.85 5.26 -10.14
CA PRO B 324 -23.46 6.62 -10.50
C PRO B 324 -22.09 6.98 -9.95
N ASN B 325 -21.30 7.76 -10.72
CA ASN B 325 -19.95 8.16 -10.31
C ASN B 325 -19.86 9.16 -9.11
N GLY B 326 -18.64 9.44 -8.67
CA GLY B 326 -18.47 10.24 -7.48
C GLY B 326 -18.25 11.70 -7.78
N ASP B 327 -18.61 12.13 -8.99
CA ASP B 327 -18.34 13.52 -9.38
C ASP B 327 -19.03 14.47 -8.43
N PHE B 328 -20.33 14.22 -8.21
CA PHE B 328 -21.15 15.07 -7.37
C PHE B 328 -20.59 15.12 -5.94
N MET B 329 -20.34 13.95 -5.39
CA MET B 329 -19.65 13.81 -4.13
C MET B 329 -18.31 14.57 -4.02
N GLU B 330 -17.41 14.34 -4.98
CA GLU B 330 -16.09 14.90 -4.96
C GLU B 330 -16.21 16.40 -5.03
N THR B 331 -17.08 16.86 -5.93
CA THR B 331 -17.34 18.28 -6.12
C THR B 331 -17.73 18.95 -4.82
N PHE B 332 -18.81 18.46 -4.20
CA PHE B 332 -19.32 19.13 -3.03
C PHE B 332 -18.50 19.00 -1.77
N LEU B 333 -17.78 17.88 -1.65
CA LEU B 333 -16.87 17.74 -0.56
C LEU B 333 -15.84 18.87 -0.65
N ASN B 334 -15.37 19.20 -1.86
CA ASN B 334 -14.35 20.23 -2.01
C ASN B 334 -14.92 21.64 -2.15
N THR B 335 -16.25 21.73 -2.23
CA THR B 335 -16.93 23.02 -2.32
C THR B 335 -17.24 23.46 -0.90
N GLN B 336 -17.30 24.78 -0.67
CA GLN B 336 -17.37 25.33 0.68
C GLN B 336 -18.81 25.64 1.18
N PHE B 337 -19.79 24.91 0.64
CA PHE B 337 -21.17 25.01 1.07
C PHE B 337 -21.96 23.80 0.58
N ASP B 338 -23.16 23.61 1.11
CA ASP B 338 -24.11 22.62 0.59
C ASP B 338 -25.46 22.99 1.21
N TRP B 339 -26.45 22.10 1.13
CA TRP B 339 -27.72 22.33 1.80
C TRP B 339 -27.59 22.74 3.28
N ASN B 340 -26.55 22.29 3.97
CA ASN B 340 -26.39 22.58 5.42
C ASN B 340 -25.81 23.96 5.74
N GLY B 341 -25.43 24.73 4.71
CA GLY B 341 -24.73 26.01 4.89
C GLY B 341 -23.31 26.12 4.31
N ILE B 342 -22.77 27.34 4.36
CA ILE B 342 -21.35 27.61 4.10
C ILE B 342 -20.53 26.95 5.20
N ARG B 343 -19.32 26.51 4.90
CA ARG B 343 -18.73 25.35 5.56
C ARG B 343 -17.28 25.16 5.08
N LYS B 344 -16.40 24.66 5.94
CA LYS B 344 -15.07 24.27 5.46
C LYS B 344 -15.21 23.16 4.40
N PRO B 345 -14.27 23.09 3.46
CA PRO B 345 -14.34 21.95 2.56
C PRO B 345 -13.73 20.74 3.24
N PHE B 346 -14.05 19.56 2.72
CA PHE B 346 -13.35 18.34 3.07
C PHE B 346 -12.39 17.94 1.94
N VAL B 347 -11.08 18.10 2.15
CA VAL B 347 -10.09 17.85 1.11
C VAL B 347 -10.22 16.41 0.57
N PHE B 348 -10.41 16.27 -0.74
CA PHE B 348 -10.89 15.03 -1.31
C PHE B 348 -10.36 14.73 -2.72
N ALA B 349 -9.81 13.53 -2.90
CA ALA B 349 -9.15 13.16 -4.11
C ALA B 349 -10.04 12.32 -5.01
N THR B 350 -10.15 12.74 -6.27
CA THR B 350 -10.70 11.91 -7.31
C THR B 350 -9.78 10.72 -7.52
N GLU B 351 -10.38 9.56 -7.85
CA GLU B 351 -9.63 8.36 -8.25
C GLU B 351 -8.69 7.83 -7.18
N ASN B 352 -8.98 8.25 -5.93
CA ASN B 352 -8.18 7.94 -4.76
C ASN B 352 -6.73 8.30 -4.98
N ASP B 353 -6.50 9.42 -5.65
CA ASP B 353 -5.15 9.79 -5.87
C ASP B 353 -4.67 10.48 -4.58
N SER B 354 -4.18 9.66 -3.67
CA SER B 354 -3.75 10.11 -2.36
C SER B 354 -2.70 11.21 -2.45
N LEU B 355 -1.77 11.08 -3.38
CA LEU B 355 -0.70 12.07 -3.53
C LEU B 355 -1.29 13.36 -4.03
N ASN B 356 -2.24 13.31 -4.97
CA ASN B 356 -2.95 14.53 -5.25
C ASN B 356 -3.64 15.13 -4.03
N GLY B 357 -4.30 14.26 -3.26
CA GLY B 357 -4.97 14.62 -2.03
C GLY B 357 -4.03 15.30 -1.08
N VAL B 358 -2.83 14.72 -0.88
CA VAL B 358 -1.83 15.38 -0.03
C VAL B 358 -1.35 16.72 -0.62
N SER B 359 -1.33 16.85 -1.94
CA SER B 359 -0.92 18.10 -2.57
C SER B 359 -1.97 19.15 -2.26
N MET B 360 -3.22 18.79 -2.52
CA MET B 360 -4.37 19.59 -2.13
C MET B 360 -4.33 20.02 -0.68
N LEU B 361 -3.91 19.11 0.20
CA LEU B 361 -3.98 19.38 1.62
C LEU B 361 -2.93 20.40 2.03
N PHE B 362 -1.72 20.23 1.46
CA PHE B 362 -0.65 21.20 1.63
C PHE B 362 -1.17 22.60 1.33
N ASN B 363 -1.77 22.73 0.15
CA ASN B 363 -2.39 23.98 -0.24
C ASN B 363 -3.48 24.43 0.73
N TYR B 364 -4.41 23.51 1.06
CA TYR B 364 -5.51 23.85 1.93
C TYR B 364 -4.98 24.43 3.22
N LEU B 365 -4.02 23.73 3.81
CA LEU B 365 -3.53 24.06 5.14
C LEU B 365 -2.66 25.31 5.16
N LEU B 366 -2.02 25.62 4.04
CA LEU B 366 -1.30 26.88 3.93
C LEU B 366 -2.19 28.14 3.75
N THR B 367 -3.38 27.93 3.21
CA THR B 367 -4.23 29.02 2.72
C THR B 367 -5.63 29.08 3.33
N ASN B 368 -6.15 27.95 3.81
CA ASN B 368 -7.54 27.91 4.29
C ASN B 368 -8.53 28.14 3.14
N THR B 369 -8.10 27.82 1.91
CA THR B 369 -8.92 27.99 0.72
C THR B 369 -9.13 26.62 0.07
N PRO B 370 -10.30 26.37 -0.54
CA PRO B 370 -10.49 25.05 -1.10
C PRO B 370 -9.61 24.89 -2.34
N GLN B 371 -9.60 23.68 -2.92
CA GLN B 371 -8.56 23.25 -3.83
C GLN B 371 -9.10 22.55 -5.03
N ILE B 372 -8.56 22.97 -6.18
CA ILE B 372 -8.87 22.41 -7.49
C ILE B 372 -8.11 21.11 -7.73
N PHE B 373 -8.82 20.06 -8.12
CA PHE B 373 -8.23 18.78 -8.51
C PHE B 373 -8.33 18.69 -10.02
N ALA B 374 -7.22 18.54 -10.74
CA ALA B 374 -7.27 18.52 -12.21
C ALA B 374 -6.43 17.46 -12.90
N ASP B 375 -6.89 16.97 -14.05
CA ASP B 375 -5.98 16.31 -15.00
C ASP B 375 -5.21 17.42 -15.69
N VAL B 376 -3.89 17.27 -15.79
CA VAL B 376 -3.13 18.15 -16.64
C VAL B 376 -3.28 17.53 -18.01
N ARG B 377 -4.28 18.02 -18.75
CA ARG B 377 -4.84 17.32 -19.87
C ARG B 377 -4.11 17.55 -21.20
N THR B 378 -3.81 18.82 -21.49
CA THR B 378 -3.27 19.18 -22.79
C THR B 378 -2.38 20.36 -22.60
N TYR B 379 -1.26 20.35 -23.31
CA TYR B 379 -0.47 21.55 -23.49
C TYR B 379 -0.83 22.17 -24.84
N TRP B 380 -1.26 23.43 -24.78
CA TRP B 380 -1.66 24.16 -25.95
C TRP B 380 -0.54 25.12 -26.33
N SER B 381 0.18 24.78 -27.40
CA SER B 381 1.27 25.64 -27.88
C SER B 381 0.66 26.78 -28.71
N PRO B 382 1.37 27.94 -28.81
CA PRO B 382 0.76 29.02 -29.61
C PRO B 382 0.53 28.58 -31.07
N GLU B 383 1.44 27.78 -31.63
CA GLU B 383 1.32 27.25 -32.97
C GLU B 383 0.06 26.38 -33.16
N ALA B 384 -0.19 25.49 -32.20
CA ALA B 384 -1.39 24.66 -32.24
C ALA B 384 -2.63 25.51 -32.06
N VAL B 385 -2.55 26.56 -31.25
CA VAL B 385 -3.73 27.38 -31.08
C VAL B 385 -4.02 28.13 -32.37
N LYS B 386 -3.00 28.71 -32.98
CA LYS B 386 -3.14 29.38 -34.24
C LYS B 386 -3.75 28.41 -35.25
N ARG B 387 -3.12 27.26 -35.44
CA ARG B 387 -3.62 26.28 -36.39
C ARG B 387 -5.06 25.93 -36.13
N VAL B 388 -5.37 25.57 -34.89
CA VAL B 388 -6.71 25.08 -34.58
C VAL B 388 -7.78 26.18 -34.54
N THR B 389 -7.39 27.43 -34.26
CA THR B 389 -8.39 28.48 -34.06
C THR B 389 -8.19 29.75 -34.88
N GLY B 390 -7.03 29.91 -35.50
CA GLY B 390 -6.69 31.18 -36.18
C GLY B 390 -6.32 32.36 -35.28
N HIS B 391 -6.37 32.16 -33.96
CA HIS B 391 -6.06 33.19 -33.00
C HIS B 391 -4.58 33.17 -32.61
N THR B 392 -3.97 34.35 -32.60
CA THR B 392 -2.62 34.49 -32.08
C THR B 392 -2.74 34.95 -30.64
N LEU B 393 -2.32 34.07 -29.74
CA LEU B 393 -2.43 34.31 -28.30
C LEU B 393 -1.63 35.53 -27.85
N GLU B 394 -2.10 36.18 -26.79
CA GLU B 394 -1.39 37.34 -26.22
C GLU B 394 -1.68 37.53 -24.72
N GLY B 395 -0.98 38.50 -24.13
CA GLY B 395 -0.94 38.59 -22.67
C GLY B 395 -0.34 37.33 -22.08
N ARG B 396 -0.95 36.86 -21.00
CA ARG B 396 -0.37 35.75 -20.26
C ARG B 396 -0.49 34.45 -21.00
N ALA B 397 -1.34 34.38 -22.01
CA ALA B 397 -1.43 33.15 -22.77
C ALA B 397 -0.40 33.09 -23.89
N ALA B 398 0.32 34.19 -24.11
CA ALA B 398 1.17 34.31 -25.32
C ALA B 398 2.08 33.10 -25.55
N ALA B 399 2.62 32.53 -24.47
CA ALA B 399 3.61 31.46 -24.60
C ALA B 399 2.98 30.07 -24.47
N GLY B 400 1.67 29.96 -24.70
CA GLY B 400 0.97 28.71 -24.61
C GLY B 400 0.48 28.51 -23.20
N PHE B 401 -0.27 27.43 -22.98
CA PHE B 401 -0.89 27.20 -21.68
C PHE B 401 -1.27 25.73 -21.55
N LEU B 402 -1.64 25.36 -20.33
CA LEU B 402 -2.08 24.02 -20.03
C LEU B 402 -3.59 24.00 -19.82
N HIS B 403 -4.22 22.97 -20.35
CA HIS B 403 -5.61 22.71 -20.07
C HIS B 403 -5.78 21.84 -18.81
N LEU B 404 -6.28 22.47 -17.76
CA LEU B 404 -6.51 21.77 -16.50
C LEU B 404 -7.99 21.44 -16.35
N ILE B 405 -8.29 20.17 -16.19
CA ILE B 405 -9.66 19.70 -16.33
C ILE B 405 -9.78 18.29 -15.76
N ASN B 406 -10.20 18.21 -14.51
CA ASN B 406 -10.55 16.92 -13.94
C ASN B 406 -11.63 16.14 -14.69
N SER B 407 -11.54 14.82 -14.60
CA SER B 407 -12.48 13.91 -15.26
C SER B 407 -13.86 13.84 -14.57
N GLY B 408 -14.39 15.00 -14.21
CA GLY B 408 -15.79 15.09 -13.82
C GLY B 408 -16.08 16.08 -12.71
N SER B 409 -15.20 16.15 -11.71
CA SER B 409 -15.49 16.93 -10.51
C SER B 409 -14.52 18.05 -10.29
N CYS B 410 -15.00 19.10 -9.63
CA CYS B 410 -14.13 20.18 -9.17
C CYS B 410 -14.86 21.09 -8.22
N THR B 411 -14.11 21.68 -7.31
CA THR B 411 -14.70 22.57 -6.32
C THR B 411 -15.43 23.71 -7.04
N LEU B 412 -16.67 23.98 -6.63
CA LEU B 412 -17.41 25.11 -7.20
C LEU B 412 -16.74 26.42 -6.84
N ASP B 413 -15.91 26.40 -5.82
CA ASP B 413 -15.13 27.56 -5.49
C ASP B 413 -14.19 27.91 -6.66
N GLY B 414 -13.77 26.89 -7.40
CA GLY B 414 -12.81 27.06 -8.48
C GLY B 414 -13.37 27.65 -9.76
N THR B 415 -14.68 27.91 -9.80
CA THR B 415 -15.22 28.86 -10.77
C THR B 415 -14.49 30.20 -10.73
N GLY B 416 -14.05 30.58 -9.54
CA GLY B 416 -13.41 31.86 -9.34
C GLY B 416 -14.44 32.96 -9.26
N GLN B 417 -15.66 32.60 -8.87
CA GLN B 417 -16.75 33.56 -8.81
C GLN B 417 -16.68 34.50 -7.60
N ALA B 418 -15.98 34.11 -6.53
CA ALA B 418 -15.75 35.06 -5.42
C ALA B 418 -14.82 36.19 -5.89
N THR B 419 -14.92 37.34 -5.21
CA THR B 419 -14.28 38.57 -5.67
C THR B 419 -13.69 39.35 -4.53
N ARG B 420 -12.53 39.94 -4.79
CA ARG B 420 -11.95 40.96 -3.95
C ARG B 420 -11.31 42.01 -4.86
N ASP B 421 -11.55 43.29 -4.56
CA ASP B 421 -10.95 44.45 -5.27
C ASP B 421 -11.02 44.31 -6.77
N GLY B 422 -12.18 43.82 -7.24
CA GLY B 422 -12.45 43.60 -8.66
C GLY B 422 -11.92 42.30 -9.25
N LYS B 423 -11.17 41.51 -8.48
CA LYS B 423 -10.44 40.36 -9.02
C LYS B 423 -11.02 39.05 -8.54
N PRO B 424 -10.97 38.00 -9.39
CA PRO B 424 -11.45 36.65 -9.01
C PRO B 424 -10.52 35.91 -8.04
N ILE B 425 -11.09 35.31 -7.00
CA ILE B 425 -10.30 34.61 -6.01
C ILE B 425 -11.01 33.38 -5.49
N MET B 426 -10.31 32.63 -4.65
CA MET B 426 -10.94 31.62 -3.84
C MET B 426 -10.71 32.01 -2.40
N LYS B 427 -11.75 31.93 -1.58
CA LYS B 427 -11.74 32.53 -0.25
C LYS B 427 -11.84 31.46 0.84
N PRO B 428 -11.38 31.75 2.06
CA PRO B 428 -11.76 30.85 3.15
C PRO B 428 -13.27 30.92 3.37
N PHE B 429 -13.90 29.81 3.76
CA PHE B 429 -15.36 29.78 3.80
C PHE B 429 -16.00 30.96 4.56
N TRP B 430 -15.33 31.43 5.61
CA TRP B 430 -15.92 32.47 6.46
C TRP B 430 -15.92 33.85 5.82
N GLU B 431 -15.29 33.99 4.67
CA GLU B 431 -15.26 35.27 3.96
C GLU B 431 -16.22 35.28 2.75
N LEU B 432 -16.81 34.12 2.45
CA LEU B 432 -17.70 33.99 1.30
C LEU B 432 -19.01 34.72 1.54
N GLU B 433 -19.39 35.61 0.61
CA GLU B 433 -20.69 36.27 0.66
C GLU B 433 -21.73 35.43 -0.06
N GLU B 434 -22.99 35.66 0.30
CA GLU B 434 -24.16 35.11 -0.39
C GLU B 434 -24.13 35.23 -1.91
N SER B 435 -23.88 36.46 -2.39
CA SER B 435 -23.71 36.72 -3.82
C SER B 435 -22.76 35.73 -4.52
N GLU B 436 -21.70 35.39 -3.80
CA GLU B 436 -20.59 34.58 -4.30
C GLU B 436 -20.95 33.11 -4.39
N VAL B 437 -21.46 32.56 -3.29
CA VAL B 437 -22.05 31.21 -3.32
C VAL B 437 -22.99 31.14 -4.52
N GLN B 438 -23.99 32.03 -4.55
CA GLN B 438 -24.96 32.10 -5.63
C GLN B 438 -24.31 32.17 -7.02
N ALA B 439 -23.38 33.12 -7.20
CA ALA B 439 -22.62 33.24 -8.47
C ALA B 439 -22.07 31.89 -8.93
N MET B 440 -21.33 31.21 -8.05
CA MET B 440 -20.77 29.89 -8.32
C MET B 440 -21.81 28.92 -8.86
N LEU B 441 -22.88 28.72 -8.07
CA LEU B 441 -23.97 27.86 -8.50
C LEU B 441 -24.54 28.25 -9.83
N GLU B 442 -24.69 29.54 -10.08
CA GLU B 442 -25.24 30.00 -11.36
C GLU B 442 -24.31 29.79 -12.53
N ASN B 443 -23.01 29.66 -12.29
CA ASN B 443 -22.06 29.51 -13.40
C ASN B 443 -21.56 28.10 -13.62
N THR B 444 -22.35 27.15 -13.13
CA THR B 444 -22.03 25.75 -13.18
C THR B 444 -23.30 25.03 -13.46
N ASP B 445 -23.24 24.05 -14.35
CA ASP B 445 -24.28 23.05 -14.48
C ASP B 445 -23.66 21.66 -14.34
N PHE B 446 -24.53 20.66 -14.42
CA PHE B 446 -24.16 19.32 -14.05
C PHE B 446 -24.56 18.29 -15.10
N PRO B 447 -23.79 18.21 -16.19
CA PRO B 447 -24.13 17.31 -17.30
C PRO B 447 -24.24 15.84 -16.86
N PRO B 448 -25.24 15.09 -17.37
CA PRO B 448 -25.20 13.63 -17.19
C PRO B 448 -23.83 13.13 -17.53
N ALA B 449 -23.30 12.28 -16.66
CA ALA B 449 -22.02 11.63 -16.93
C ALA B 449 -22.01 10.97 -18.31
N ASN B 450 -20.84 10.64 -18.80
CA ASN B 450 -20.69 10.02 -20.09
C ASN B 450 -20.69 8.50 -19.92
N ARG B 451 -21.82 7.85 -20.24
CA ARG B 451 -21.94 6.39 -20.00
C ARG B 451 -21.01 5.46 -20.80
N GLU B 452 -20.22 6.00 -21.73
CA GLU B 452 -19.21 5.15 -22.37
C GLU B 452 -18.03 4.90 -21.40
N TYR B 453 -17.85 5.86 -20.48
CA TYR B 453 -16.80 5.81 -19.49
C TYR B 453 -17.37 5.41 -18.13
N PHE B 454 -18.56 5.89 -17.85
CA PHE B 454 -19.24 5.66 -16.60
C PHE B 454 -20.61 5.00 -16.82
N ARG B 455 -20.66 3.69 -17.16
CA ARG B 455 -21.96 3.04 -17.52
C ARG B 455 -22.98 3.33 -16.38
N GLY B 456 -22.49 3.38 -15.13
CA GLY B 456 -23.37 3.61 -13.98
C GLY B 456 -24.09 4.94 -13.88
N GLY B 457 -23.57 5.96 -14.57
CA GLY B 457 -24.22 7.27 -14.64
C GLY B 457 -23.66 8.26 -13.65
N GLY B 458 -24.52 9.19 -13.22
CA GLY B 458 -24.14 10.28 -12.33
C GLY B 458 -24.14 11.57 -13.10
N PHE B 459 -23.56 12.60 -12.51
CA PHE B 459 -23.49 13.92 -13.14
C PHE B 459 -22.13 14.59 -12.95
N SER B 460 -21.51 15.02 -14.04
CA SER B 460 -20.27 15.76 -13.96
C SER B 460 -20.53 17.21 -13.52
N THR B 461 -19.45 17.91 -13.20
CA THR B 461 -19.49 19.33 -12.90
C THR B 461 -18.88 20.07 -14.09
N ARG B 462 -19.54 21.15 -14.52
CA ARG B 462 -19.07 21.94 -15.62
C ARG B 462 -19.14 23.45 -15.36
N PHE B 463 -17.98 24.09 -15.49
CA PHE B 463 -17.85 25.52 -15.36
C PHE B 463 -16.57 25.92 -16.05
N LEU B 464 -16.30 27.22 -16.08
CA LEU B 464 -15.03 27.74 -16.56
C LEU B 464 -14.41 28.66 -15.50
N THR B 465 -13.23 28.30 -15.06
CA THR B 465 -12.58 29.17 -14.10
C THR B 465 -12.32 30.51 -14.75
N LYS B 466 -12.73 31.57 -14.08
CA LYS B 466 -12.43 32.92 -14.51
C LYS B 466 -10.94 33.12 -14.70
N GLY B 467 -10.57 33.85 -15.74
CA GLY B 467 -9.16 34.15 -16.02
C GLY B 467 -8.56 35.21 -15.13
N ASP B 468 -7.25 35.38 -15.24
CA ASP B 468 -6.51 36.38 -14.51
C ASP B 468 -6.47 36.21 -12.97
N MET B 469 -6.63 34.97 -12.49
CA MET B 469 -6.49 34.70 -11.08
C MET B 469 -5.13 34.00 -10.80
N PRO B 470 -4.30 34.61 -9.93
CA PRO B 470 -3.03 33.98 -9.54
C PRO B 470 -3.31 32.66 -8.83
N VAL B 471 -2.65 31.60 -9.28
CA VAL B 471 -2.84 30.29 -8.74
C VAL B 471 -1.49 29.58 -8.66
N THR B 472 -1.44 28.50 -7.87
CA THR B 472 -0.27 27.65 -7.81
C THR B 472 -0.70 26.19 -8.02
N MET B 473 -0.06 25.55 -8.98
CA MET B 473 -0.29 24.17 -9.29
C MET B 473 0.80 23.39 -8.58
N VAL B 474 0.39 22.32 -7.90
CA VAL B 474 1.25 21.60 -6.96
C VAL B 474 1.12 20.10 -7.12
N ARG B 475 2.22 19.38 -6.98
CA ARG B 475 2.14 17.93 -7.01
C ARG B 475 3.25 17.28 -6.23
N LEU B 476 2.87 16.39 -5.32
CA LEU B 476 3.81 15.45 -4.74
C LEU B 476 3.88 14.21 -5.59
N ASN B 477 5.09 13.78 -5.90
CA ASN B 477 5.29 12.45 -6.48
C ASN B 477 6.19 11.62 -5.58
N LEU B 478 6.02 10.28 -5.61
CA LEU B 478 6.93 9.36 -4.90
C LEU B 478 8.05 8.79 -5.81
N LEU B 479 9.28 9.05 -5.41
CA LEU B 479 10.44 8.54 -6.10
C LEU B 479 11.00 7.33 -5.33
N LYS B 480 11.00 6.16 -5.97
CA LYS B 480 11.49 4.91 -5.36
C LYS B 480 12.86 5.15 -4.81
N GLY B 481 13.11 4.77 -3.56
CA GLY B 481 14.44 4.90 -2.93
C GLY B 481 14.81 6.30 -2.46
N VAL B 482 13.88 7.25 -2.59
CA VAL B 482 14.12 8.61 -2.13
C VAL B 482 12.96 9.04 -1.25
N GLY B 483 11.75 8.85 -1.74
CA GLY B 483 10.58 9.26 -1.00
C GLY B 483 9.81 10.30 -1.77
N PRO B 484 9.03 11.13 -1.06
CA PRO B 484 8.25 12.14 -1.77
C PRO B 484 9.14 13.30 -2.28
N VAL B 485 8.76 13.86 -3.43
CA VAL B 485 9.39 15.06 -3.95
C VAL B 485 8.25 15.97 -4.39
N LEU B 486 8.48 17.27 -4.33
CA LEU B 486 7.40 18.22 -4.51
C LEU B 486 7.69 19.18 -5.67
N GLN B 487 6.69 19.39 -6.53
CA GLN B 487 6.84 20.28 -7.67
C GLN B 487 5.76 21.33 -7.59
N ILE B 488 6.21 22.55 -7.87
CA ILE B 488 5.44 23.75 -7.68
C ILE B 488 5.52 24.55 -8.99
N ALA B 489 4.38 25.11 -9.43
CA ALA B 489 4.36 25.99 -10.58
C ALA B 489 3.35 27.10 -10.33
N GLU B 490 3.86 28.31 -10.05
CA GLU B 490 3.02 29.48 -9.92
C GLU B 490 2.63 30.03 -11.30
N GLY B 491 1.43 30.59 -11.40
CA GLY B 491 1.00 31.18 -12.65
C GLY B 491 -0.33 31.89 -12.54
N TYR B 492 -1.09 31.89 -13.64
CA TYR B 492 -2.42 32.49 -13.68
C TYR B 492 -3.37 31.65 -14.49
N THR B 493 -4.62 31.66 -14.06
CA THR B 493 -5.72 31.25 -14.90
C THR B 493 -5.85 32.26 -16.02
N LEU B 494 -6.30 31.79 -17.17
CA LEU B 494 -6.42 32.62 -18.37
C LEU B 494 -7.85 32.77 -18.80
N GLU B 495 -8.17 33.95 -19.33
CA GLU B 495 -9.39 34.11 -20.09
C GLU B 495 -9.04 34.13 -21.55
N LEU B 496 -9.33 33.03 -22.24
CA LEU B 496 -9.19 32.96 -23.68
C LEU B 496 -10.30 33.75 -24.36
N PRO B 497 -10.10 34.13 -25.64
CA PRO B 497 -11.24 34.62 -26.38
C PRO B 497 -12.29 33.53 -26.46
N GLU B 498 -13.56 33.94 -26.41
CA GLU B 498 -14.67 33.01 -26.29
C GLU B 498 -14.69 31.98 -27.40
N ASP B 499 -14.46 32.39 -28.63
CA ASP B 499 -14.42 31.45 -29.74
C ASP B 499 -13.34 30.40 -29.47
N VAL B 500 -12.19 30.85 -28.96
CA VAL B 500 -11.02 29.97 -28.74
C VAL B 500 -11.34 28.98 -27.65
N HIS B 501 -11.81 29.50 -26.51
CA HIS B 501 -12.34 28.62 -25.47
C HIS B 501 -13.32 27.54 -25.99
N HIS B 502 -14.36 27.91 -26.71
CA HIS B 502 -15.35 26.91 -27.10
C HIS B 502 -14.76 25.90 -28.12
N THR B 503 -13.89 26.35 -29.03
CA THR B 503 -13.24 25.42 -29.97
C THR B 503 -12.43 24.36 -29.22
N LEU B 504 -11.63 24.82 -28.25
CA LEU B 504 -10.69 23.93 -27.53
C LEU B 504 -11.43 23.02 -26.58
N ASP B 505 -12.36 23.62 -25.84
CA ASP B 505 -13.25 22.91 -24.91
C ASP B 505 -13.95 21.75 -25.62
N ASN B 506 -14.51 22.00 -26.79
CA ASN B 506 -15.42 21.02 -27.38
C ASN B 506 -14.68 19.87 -28.04
N ARG B 507 -13.42 20.08 -28.32
CA ARG B 507 -12.52 19.05 -28.79
C ARG B 507 -12.08 18.17 -27.62
N THR B 508 -12.28 18.65 -26.39
CA THR B 508 -11.69 17.95 -25.26
C THR B 508 -12.70 17.10 -24.49
N ASP B 509 -13.34 17.71 -23.49
CA ASP B 509 -14.45 17.11 -22.75
C ASP B 509 -15.25 18.26 -22.17
N PRO B 510 -16.13 18.86 -22.99
CA PRO B 510 -16.95 20.00 -22.56
C PRO B 510 -17.89 19.69 -21.39
N GLY B 511 -18.05 18.39 -21.09
CA GLY B 511 -18.83 17.93 -19.94
C GLY B 511 -18.17 18.18 -18.59
N TRP B 512 -16.84 18.35 -18.58
CA TRP B 512 -16.02 18.55 -17.35
C TRP B 512 -15.69 20.03 -17.08
N PRO B 513 -15.01 20.34 -15.94
CA PRO B 513 -14.73 21.74 -15.67
C PRO B 513 -13.34 22.14 -16.18
N THR B 514 -13.19 23.42 -16.53
CA THR B 514 -11.95 23.91 -17.13
C THR B 514 -11.29 25.06 -16.39
N THR B 515 -9.98 24.90 -16.23
CA THR B 515 -9.11 25.99 -15.91
C THR B 515 -8.04 26.05 -17.02
N TRP B 516 -7.90 27.23 -17.60
CA TRP B 516 -6.83 27.46 -18.51
C TRP B 516 -5.67 28.05 -17.72
N PHE B 517 -4.51 27.39 -17.78
CA PHE B 517 -3.40 27.74 -16.92
C PHE B 517 -2.10 28.09 -17.64
N ALA B 518 -1.55 29.24 -17.26
CA ALA B 518 -0.26 29.69 -17.75
C ALA B 518 0.74 29.76 -16.57
N PRO B 519 1.79 28.93 -16.57
CA PRO B 519 2.75 29.06 -15.48
C PRO B 519 3.75 30.19 -15.74
N ARG B 520 4.10 30.97 -14.72
CA ARG B 520 5.20 31.94 -14.87
C ARG B 520 6.48 31.21 -15.34
N LEU B 521 7.04 31.66 -16.45
CA LEU B 521 8.32 31.16 -16.97
C LEU B 521 9.45 32.01 -16.44
N THR B 522 10.60 31.38 -16.23
CA THR B 522 11.73 32.07 -15.61
C THR B 522 13.01 31.96 -16.39
N GLY B 523 13.05 31.14 -17.43
CA GLY B 523 14.31 30.88 -18.14
C GLY B 523 15.19 29.84 -17.42
N LYS B 524 14.87 29.57 -16.15
CA LYS B 524 15.56 28.61 -15.31
C LYS B 524 14.89 27.22 -15.46
N GLY B 525 15.74 26.19 -15.41
CA GLY B 525 15.30 24.80 -15.27
C GLY B 525 14.19 24.36 -16.18
N ALA B 526 13.09 23.90 -15.59
CA ALA B 526 11.93 23.40 -16.32
C ALA B 526 10.93 24.50 -16.68
N PHE B 527 11.29 25.74 -16.34
CA PHE B 527 10.43 26.87 -16.63
C PHE B 527 10.99 27.75 -17.74
N LYS B 528 11.65 27.09 -18.70
CA LYS B 528 12.12 27.76 -19.90
C LYS B 528 10.92 28.00 -20.83
N SER B 529 9.98 27.05 -20.87
CA SER B 529 8.79 27.18 -21.70
C SER B 529 7.62 26.48 -21.06
N VAL B 530 6.42 26.86 -21.46
CA VAL B 530 5.21 26.26 -20.96
C VAL B 530 5.28 24.79 -21.24
N TYR B 531 5.77 24.41 -22.41
CA TYR B 531 5.90 23.00 -22.71
C TYR B 531 6.81 22.29 -21.70
N ASP B 532 8.03 22.79 -21.54
CA ASP B 532 8.94 22.25 -20.55
C ASP B 532 8.27 21.98 -19.18
N VAL B 533 7.38 22.89 -18.76
CA VAL B 533 6.66 22.70 -17.49
C VAL B 533 5.74 21.46 -17.54
N MET B 534 4.97 21.31 -18.60
CA MET B 534 4.16 20.12 -18.62
C MET B 534 5.06 18.87 -18.75
N ASN B 535 6.05 18.96 -19.64
CA ASN B 535 6.88 17.83 -19.96
C ASN B 535 7.58 17.30 -18.74
N ASN B 536 7.73 18.16 -17.73
CA ASN B 536 8.34 17.80 -16.44
C ASN B 536 7.31 17.60 -15.34
N TRP B 537 6.04 17.61 -15.68
CA TRP B 537 5.08 17.31 -14.63
C TRP B 537 5.08 15.83 -14.36
N GLY B 538 5.12 15.49 -13.09
CA GLY B 538 5.38 14.10 -12.71
C GLY B 538 4.19 13.19 -12.57
N ALA B 539 3.00 13.71 -12.82
CA ALA B 539 1.81 12.92 -12.71
C ALA B 539 0.77 13.50 -13.65
N ASN B 540 -0.28 12.75 -13.90
CA ASN B 540 -1.37 13.25 -14.70
C ASN B 540 -2.20 14.26 -13.94
N HIS B 541 -2.05 14.29 -12.61
CA HIS B 541 -2.81 15.23 -11.78
C HIS B 541 -1.99 16.36 -11.20
N GLY B 542 -2.71 17.42 -10.88
CA GLY B 542 -2.17 18.55 -10.17
C GLY B 542 -3.19 19.03 -9.16
N ALA B 543 -2.72 19.75 -8.14
CA ALA B 543 -3.56 20.44 -7.18
C ALA B 543 -3.30 21.95 -7.35
N ILE B 544 -4.36 22.69 -7.65
CA ILE B 544 -4.26 24.11 -7.89
C ILE B 544 -5.02 24.85 -6.80
N THR B 545 -4.35 25.87 -6.25
CA THR B 545 -4.89 26.73 -5.22
C THR B 545 -4.91 28.14 -5.74
N TYR B 546 -5.82 28.95 -5.22
CA TYR B 546 -5.71 30.37 -5.45
C TYR B 546 -4.45 30.87 -4.76
N GLY B 547 -3.83 31.87 -5.38
CA GLY B 547 -2.69 32.57 -4.79
C GLY B 547 -1.34 32.06 -5.25
N HIS B 548 -0.32 32.85 -4.93
CA HIS B 548 1.06 32.42 -5.14
C HIS B 548 1.70 31.96 -3.84
N ILE B 549 1.66 30.65 -3.61
CA ILE B 549 2.01 30.05 -2.30
C ILE B 549 3.28 29.17 -2.43
N GLY B 550 4.00 29.39 -3.52
CA GLY B 550 5.23 28.62 -3.80
C GLY B 550 6.23 28.68 -2.67
N ALA B 551 6.47 29.89 -2.13
CA ALA B 551 7.45 30.10 -1.09
C ALA B 551 7.00 29.42 0.20
N ASP B 552 5.70 29.47 0.44
CA ASP B 552 5.10 28.83 1.59
C ASP B 552 5.29 27.33 1.49
N LEU B 553 5.03 26.75 0.30
CA LEU B 553 5.25 25.31 0.10
C LEU B 553 6.74 24.89 0.27
N ILE B 554 7.65 25.73 -0.21
CA ILE B 554 9.07 25.47 -0.06
C ILE B 554 9.41 25.37 1.43
N THR B 555 8.89 26.28 2.23
CA THR B 555 9.17 26.28 3.64
C THR B 555 8.57 25.02 4.27
N LEU B 556 7.32 24.72 3.92
CA LEU B 556 6.66 23.51 4.35
C LEU B 556 7.49 22.28 4.03
N ALA B 557 7.93 22.17 2.77
CA ALA B 557 8.57 20.96 2.35
C ALA B 557 9.91 20.75 3.11
N SER B 558 10.61 21.85 3.40
CA SER B 558 11.89 21.75 4.10
C SER B 558 11.62 21.24 5.49
N MET B 559 10.52 21.71 6.10
CA MET B 559 10.08 21.25 7.41
C MET B 559 9.83 19.74 7.41
N LEU B 560 9.25 19.21 6.33
CA LEU B 560 8.93 17.79 6.30
C LEU B 560 10.07 16.99 5.65
N ARG B 561 11.13 17.72 5.30
CA ARG B 561 12.30 17.17 4.59
C ARG B 561 11.86 16.48 3.30
N ILE B 562 10.91 17.12 2.59
CA ILE B 562 10.52 16.69 1.25
C ILE B 562 11.27 17.54 0.23
N PRO B 563 12.06 16.93 -0.64
CA PRO B 563 12.75 17.86 -1.56
C PRO B 563 11.84 18.46 -2.63
N VAL B 564 12.22 19.65 -3.08
CA VAL B 564 11.53 20.33 -4.16
C VAL B 564 12.28 20.08 -5.45
N ASN B 565 11.76 19.22 -6.31
CA ASN B 565 12.47 18.90 -7.56
C ASN B 565 12.33 19.97 -8.63
N MET B 566 11.26 20.76 -8.52
CA MET B 566 10.91 21.75 -9.51
C MET B 566 9.97 22.81 -8.95
N HIS B 567 10.41 24.08 -9.01
CA HIS B 567 9.59 25.22 -8.57
C HIS B 567 9.96 26.49 -9.36
N ASN B 568 9.02 27.40 -9.52
CA ASN B 568 9.38 28.65 -10.18
C ASN B 568 9.39 29.88 -9.24
N VAL B 569 9.63 29.63 -7.95
CA VAL B 569 9.63 30.68 -6.95
C VAL B 569 10.93 31.46 -7.06
N PRO B 570 10.88 32.79 -6.93
CA PRO B 570 12.18 33.51 -7.00
C PRO B 570 13.14 33.02 -5.92
N GLU B 571 14.41 32.93 -6.24
CA GLU B 571 15.40 32.39 -5.30
C GLU B 571 15.46 33.11 -3.92
N GLU B 572 15.29 34.43 -3.89
CA GLU B 572 15.36 35.20 -2.64
C GLU B 572 14.20 34.93 -1.67
N ASP B 573 13.16 34.31 -2.17
CA ASP B 573 12.02 33.96 -1.34
C ASP B 573 12.18 32.60 -0.64
N ILE B 574 13.13 31.79 -1.12
CA ILE B 574 13.39 30.47 -0.59
C ILE B 574 13.78 30.57 0.89
N PHE B 575 12.93 30.02 1.74
CA PHE B 575 13.08 30.17 3.18
C PHE B 575 13.07 28.77 3.81
N ARG B 576 14.28 28.31 4.15
CA ARG B 576 14.56 26.97 4.64
C ARG B 576 15.32 27.05 5.99
N PRO B 577 15.38 25.93 6.76
CA PRO B 577 16.14 25.99 8.00
C PRO B 577 17.58 26.38 7.73
N LYS B 578 18.16 27.14 8.65
CA LYS B 578 19.50 27.70 8.52
C LYS B 578 20.56 26.65 8.12
N ASN B 579 20.38 25.40 8.53
CA ASN B 579 21.39 24.40 8.28
C ASN B 579 21.42 23.97 6.84
N TRP B 580 20.30 24.14 6.13
CA TRP B 580 20.31 23.85 4.70
C TRP B 580 21.53 24.50 4.02
N SER B 581 21.91 25.69 4.47
CA SER B 581 23.04 26.34 3.82
C SER B 581 24.40 25.68 4.12
N LEU B 582 24.51 24.96 5.24
CA LEU B 582 25.70 24.17 5.47
C LEU B 582 25.85 23.03 4.46
N PHE B 583 24.75 22.66 3.79
CA PHE B 583 24.78 21.70 2.68
C PHE B 583 25.06 22.35 1.32
N GLY B 584 25.20 23.67 1.32
CA GLY B 584 25.65 24.43 0.13
C GLY B 584 24.78 25.64 -0.15
N THR B 585 25.34 26.63 -0.83
CA THR B 585 24.66 27.91 -1.07
C THR B 585 24.52 28.28 -2.55
N GLU B 586 25.30 27.66 -3.44
CA GLU B 586 25.13 27.85 -4.90
C GLU B 586 24.10 26.91 -5.50
N ASP B 587 24.24 25.61 -5.24
CA ASP B 587 23.30 24.63 -5.76
C ASP B 587 22.18 24.33 -4.78
N LEU B 588 21.22 25.25 -4.65
CA LEU B 588 20.19 25.12 -3.62
C LEU B 588 19.41 23.81 -3.76
N GLU B 589 19.16 23.42 -5.00
CA GLU B 589 18.52 22.16 -5.28
C GLU B 589 19.27 20.97 -4.70
N SER B 590 20.51 20.74 -5.14
CA SER B 590 21.34 19.66 -4.57
C SER B 590 21.46 19.74 -3.04
N ALA B 591 21.66 20.95 -2.50
CA ALA B 591 21.77 21.13 -1.07
C ALA B 591 20.49 20.63 -0.41
N ASP B 592 19.37 20.94 -1.04
CA ASP B 592 18.07 20.56 -0.54
C ASP B 592 17.92 19.04 -0.57
N TYR B 593 18.37 18.41 -1.65
CA TYR B 593 18.31 16.96 -1.68
C TYR B 593 19.23 16.31 -0.67
N ARG B 594 20.47 16.78 -0.56
CA ARG B 594 21.40 16.27 0.45
C ARG B 594 20.78 16.42 1.85
N ALA B 595 20.24 17.59 2.14
CA ALA B 595 19.68 17.83 3.46
C ALA B 595 18.47 16.91 3.76
N CYS B 596 17.57 16.73 2.80
CA CYS B 596 16.40 15.89 3.00
C CYS B 596 16.80 14.43 3.16
N GLN B 597 17.67 13.99 2.27
CA GLN B 597 18.35 12.72 2.33
C GLN B 597 18.87 12.41 3.74
N LEU B 598 19.70 13.30 4.26
CA LEU B 598 20.41 13.03 5.48
C LEU B 598 19.47 13.05 6.67
N LEU B 599 18.65 14.08 6.79
CA LEU B 599 17.76 14.24 7.93
C LEU B 599 16.65 13.25 7.88
N GLY B 600 16.12 13.00 6.69
CA GLY B 600 15.06 12.01 6.56
C GLY B 600 13.74 12.57 7.03
N PRO B 601 12.69 11.74 6.95
CA PRO B 601 11.36 12.17 7.40
C PRO B 601 11.34 12.39 8.92
N LEU B 602 10.54 13.36 9.37
CA LEU B 602 10.28 13.61 10.80
C LEU B 602 10.09 12.39 11.69
N HIS B 603 9.33 11.40 11.22
CA HIS B 603 8.94 10.26 12.03
C HIS B 603 9.35 8.93 11.43
N LYS B 604 10.63 8.78 11.12
CA LYS B 604 11.17 7.46 10.81
C LYS B 604 11.64 6.86 12.11
#